data_2EG8
#
_entry.id   2EG8
#
_cell.length_a   51.515
_cell.length_b   79.708
_cell.length_c   180.611
_cell.angle_alpha   90.00
_cell.angle_beta   90.00
_cell.angle_gamma   90.00
#
_symmetry.space_group_name_H-M   'P 21 21 21'
#
loop_
_entity.id
_entity.type
_entity.pdbx_description
1 polymer Dihydroorotase
2 non-polymer 'ZINC ION'
3 non-polymer '5-FLUORO-2,6-DIOXO-1,2,3,6-TETRAHYDROPYRIMIDINE-4-CARBOXYLIC ACID'
4 water water
#
_entity_poly.entity_id   1
_entity_poly.type   'polypeptide(L)'
_entity_poly.pdbx_seq_one_letter_code
;TAPSQVLKIRRPDDWHLHLRDGDMLKTVVPYTSEIYGRAIVMPNLAPPVTTVEAAVAYRQRILDAVPAGHDFTPLMTCYL
TDSLDPNELERGFNEGVFTAA(KCX)LYPANATTNSSHGVTSVDAIMPVLERMEKIGMPLLVHGEVTHADIDIFDREARF
IESVMEPLRQRLTALKVVFEHITTKDAADYVRDGNERLAATITPQHLMFNRNHMLVGGVRPHLYCLPILKRNIHQQALRE
LVASGFNRVFLGTDSAPHARHRKESSCGCAGCFNAPTALGSYATVFEEMNALQHFEAFCSVNGPQFYGLPVNDTFIELVR
EEQQVAESIALTDDTLVPFLAGETVRWSVKQ
;
_entity_poly.pdbx_strand_id   A,B
#
# COMPACT_ATOMS: atom_id res chain seq x y z
N SER A 4 -34.08 15.98 14.07
CA SER A 4 -32.81 15.75 13.32
C SER A 4 -31.69 16.58 13.95
N GLN A 5 -30.69 15.91 14.53
CA GLN A 5 -29.67 16.55 15.39
C GLN A 5 -28.77 17.57 14.73
N VAL A 6 -28.44 18.63 15.47
CA VAL A 6 -27.71 19.77 14.91
C VAL A 6 -26.50 20.16 15.74
N LEU A 7 -25.42 20.49 15.03
CA LEU A 7 -24.17 20.95 15.60
C LEU A 7 -23.85 22.30 15.02
N LYS A 8 -23.90 23.33 15.86
CA LYS A 8 -23.57 24.69 15.47
C LYS A 8 -22.17 25.00 16.03
N ILE A 9 -21.24 25.34 15.15
CA ILE A 9 -19.89 25.67 15.55
C ILE A 9 -19.54 26.99 14.93
N ARG A 10 -18.58 27.69 15.54
CA ARG A 10 -18.01 28.87 14.89
C ARG A 10 -17.43 28.37 13.57
N ARG A 11 -17.52 29.19 12.54
CA ARG A 11 -17.02 28.83 11.23
C ARG A 11 -15.60 28.29 11.36
N PRO A 12 -15.34 27.14 10.72
CA PRO A 12 -14.03 26.54 10.78
C PRO A 12 -12.97 27.19 9.87
N ASP A 13 -11.72 26.78 10.07
CA ASP A 13 -10.58 27.09 9.20
C ASP A 13 -9.86 25.79 8.88
N ASP A 14 -9.21 25.72 7.71
CA ASP A 14 -8.43 24.52 7.34
C ASP A 14 -6.96 24.87 7.43
N TRP A 15 -6.27 24.32 8.42
CA TRP A 15 -4.86 24.71 8.68
C TRP A 15 -3.85 23.90 7.83
N HIS A 16 -4.33 23.13 6.85
CA HIS A 16 -3.42 22.45 5.91
C HIS A 16 -4.12 22.06 4.60
N LEU A 17 -3.85 22.82 3.54
CA LEU A 17 -4.64 22.67 2.32
C LEU A 17 -3.80 22.80 1.03
N HIS A 18 -4.06 21.91 0.07
CA HIS A 18 -3.52 22.03 -1.30
C HIS A 18 -4.62 22.43 -2.26
N LEU A 19 -4.44 23.60 -2.86
CA LEU A 19 -5.37 24.17 -3.84
C LEU A 19 -4.91 24.03 -5.29
N ARG A 20 -3.65 23.60 -5.47
CA ARG A 20 -3.07 23.49 -6.81
C ARG A 20 -3.11 24.82 -7.54
N ASP A 21 -3.37 24.79 -8.86
CA ASP A 21 -3.31 25.99 -9.65
C ASP A 21 -4.09 25.77 -10.95
N GLY A 22 -4.16 26.82 -11.79
CA GLY A 22 -4.87 26.75 -13.06
C GLY A 22 -6.31 26.29 -12.89
N ASP A 23 -6.73 25.38 -13.76
CA ASP A 23 -8.07 24.82 -13.75
C ASP A 23 -8.36 23.99 -12.53
N MET A 24 -7.44 23.13 -12.14
CA MET A 24 -7.66 22.35 -10.92
C MET A 24 -8.09 23.28 -9.77
N LEU A 25 -7.38 24.38 -9.61
CA LEU A 25 -7.68 25.36 -8.58
C LEU A 25 -9.08 25.93 -8.70
N LYS A 26 -9.46 26.35 -9.90
CA LYS A 26 -10.81 26.85 -10.13
C LYS A 26 -11.91 25.85 -9.71
N THR A 27 -11.65 24.55 -9.87
CA THR A 27 -12.59 23.52 -9.46
C THR A 27 -12.63 23.30 -7.96
N VAL A 28 -11.47 23.22 -7.34
CA VAL A 28 -11.41 22.77 -5.94
C VAL A 28 -11.60 23.90 -4.89
N VAL A 29 -11.30 25.14 -5.27
CA VAL A 29 -11.45 26.27 -4.36
C VAL A 29 -12.81 26.38 -3.67
N PRO A 30 -13.89 26.25 -4.43
CA PRO A 30 -15.23 26.37 -3.84
C PRO A 30 -15.58 25.39 -2.74
N TYR A 31 -15.01 24.18 -2.77
CA TYR A 31 -15.27 23.19 -1.73
C TYR A 31 -14.70 23.60 -0.36
N THR A 32 -13.70 24.47 -0.39
CA THR A 32 -13.10 25.00 0.82
C THR A 32 -13.79 26.31 1.18
N SER A 33 -13.92 27.23 0.22
CA SER A 33 -14.36 28.59 0.49
C SER A 33 -15.85 28.74 0.93
N GLU A 34 -16.67 27.75 0.62
CA GLU A 34 -18.06 27.77 1.09
C GLU A 34 -18.15 27.39 2.55
N ILE A 35 -17.16 26.67 3.08
CA ILE A 35 -17.19 26.20 4.47
C ILE A 35 -16.21 26.95 5.41
N TYR A 36 -14.95 27.07 4.98
CA TYR A 36 -13.89 27.46 5.86
C TYR A 36 -13.64 28.94 5.70
N GLY A 37 -13.31 29.62 6.82
CA GLY A 37 -13.10 31.06 6.81
C GLY A 37 -11.76 31.42 6.23
N ARG A 38 -10.78 30.64 6.67
CA ARG A 38 -9.39 30.73 6.24
C ARG A 38 -8.85 29.31 5.98
N ALA A 39 -7.78 29.28 5.19
CA ALA A 39 -6.98 28.08 4.99
C ALA A 39 -5.51 28.40 4.81
N ILE A 40 -4.69 27.56 5.43
CA ILE A 40 -3.27 27.47 5.13
C ILE A 40 -3.04 26.78 3.76
N VAL A 41 -2.58 27.57 2.80
CA VAL A 41 -2.43 27.14 1.41
C VAL A 41 -0.98 26.70 1.26
N MET A 42 -0.78 25.41 1.04
CA MET A 42 0.57 24.86 0.98
C MET A 42 1.29 25.30 -0.29
N PRO A 43 2.61 25.24 -0.30
CA PRO A 43 3.41 25.95 -1.30
C PRO A 43 3.92 25.06 -2.41
N ASN A 44 3.53 23.79 -2.43
CA ASN A 44 4.16 22.81 -3.32
C ASN A 44 3.65 22.83 -4.74
N LEU A 45 3.66 24.01 -5.35
CA LEU A 45 3.44 24.10 -6.79
C LEU A 45 4.70 23.68 -7.56
N ALA A 46 4.54 23.59 -8.88
CA ALA A 46 5.61 23.34 -9.85
C ALA A 46 5.71 24.51 -10.83
N PRO A 47 6.67 25.44 -10.64
CA PRO A 47 7.63 25.51 -9.56
C PRO A 47 7.01 25.96 -8.22
N PRO A 48 7.70 25.64 -7.12
CA PRO A 48 7.16 25.95 -5.80
C PRO A 48 7.15 27.44 -5.48
N VAL A 49 6.34 27.81 -4.50
CA VAL A 49 6.19 29.20 -4.08
C VAL A 49 7.28 29.48 -3.04
N THR A 50 8.29 30.21 -3.49
CA THR A 50 9.47 30.52 -2.68
C THR A 50 9.86 32.02 -2.72
N THR A 51 8.98 32.85 -3.28
CA THR A 51 9.14 34.30 -3.22
C THR A 51 7.84 34.99 -2.85
N VAL A 52 7.98 36.15 -2.22
CA VAL A 52 6.86 37.03 -1.93
C VAL A 52 6.03 37.28 -3.20
N GLU A 53 6.71 37.59 -4.30
CA GLU A 53 5.99 37.95 -5.52
C GLU A 53 5.17 36.78 -6.09
N ALA A 54 5.69 35.57 -5.98
CA ALA A 54 4.95 34.40 -6.42
C ALA A 54 3.75 34.13 -5.50
N ALA A 55 3.96 34.33 -4.20
CA ALA A 55 2.89 34.12 -3.22
C ALA A 55 1.76 35.13 -3.43
N VAL A 56 2.11 36.40 -3.68
CA VAL A 56 1.11 37.41 -3.94
C VAL A 56 0.28 37.05 -5.17
N ALA A 57 0.95 36.67 -6.25
CA ALA A 57 0.26 36.29 -7.48
C ALA A 57 -0.59 35.04 -7.25
N TYR A 58 -0.10 34.09 -6.46
CA TYR A 58 -0.84 32.85 -6.27
C TYR A 58 -2.11 33.17 -5.49
N ARG A 59 -1.96 33.97 -4.45
CA ARG A 59 -3.06 34.45 -3.66
C ARG A 59 -4.19 35.03 -4.52
N GLN A 60 -3.85 35.89 -5.49
CA GLN A 60 -4.85 36.51 -6.33
C GLN A 60 -5.57 35.49 -7.21
N ARG A 61 -4.84 34.52 -7.75
CA ARG A 61 -5.50 33.45 -8.52
C ARG A 61 -6.49 32.69 -7.64
N ILE A 62 -6.13 32.47 -6.38
CA ILE A 62 -7.04 31.86 -5.44
C ILE A 62 -8.29 32.74 -5.26
N LEU A 63 -8.06 34.01 -4.90
CA LEU A 63 -9.14 34.95 -4.71
C LEU A 63 -10.05 35.04 -5.95
N ASP A 64 -9.46 35.03 -7.15
CA ASP A 64 -10.23 35.04 -8.41
C ASP A 64 -11.21 33.88 -8.52
N ALA A 65 -10.85 32.74 -7.94
CA ALA A 65 -11.62 31.52 -8.12
C ALA A 65 -12.65 31.29 -7.00
N VAL A 66 -12.66 32.19 -6.03
CA VAL A 66 -13.65 32.14 -4.94
C VAL A 66 -15.03 32.63 -5.37
N PRO A 67 -16.06 31.75 -5.29
CA PRO A 67 -17.39 32.18 -5.74
C PRO A 67 -17.88 33.43 -5.00
N ALA A 68 -18.65 34.24 -5.69
CA ALA A 68 -19.13 35.50 -5.12
C ALA A 68 -19.99 35.24 -3.88
N GLY A 69 -19.74 36.01 -2.83
CA GLY A 69 -20.43 35.85 -1.55
C GLY A 69 -19.71 34.99 -0.53
N HIS A 70 -18.75 34.16 -0.95
CA HIS A 70 -17.98 33.36 0.01
C HIS A 70 -16.93 34.23 0.71
N ASP A 71 -16.89 34.15 2.04
CA ASP A 71 -15.93 34.93 2.80
C ASP A 71 -14.79 33.99 3.11
N PHE A 72 -13.80 33.99 2.21
CA PHE A 72 -12.67 33.09 2.30
C PHE A 72 -11.35 33.84 2.10
N THR A 73 -10.41 33.61 3.01
CA THR A 73 -9.11 34.27 3.00
C THR A 73 -8.01 33.22 2.96
N PRO A 74 -7.29 33.12 1.84
CA PRO A 74 -6.18 32.15 1.84
C PRO A 74 -4.99 32.72 2.58
N LEU A 75 -4.39 31.88 3.42
CA LEU A 75 -3.17 32.21 4.15
C LEU A 75 -1.99 31.49 3.48
N MET A 76 -1.09 32.26 2.92
CA MET A 76 -0.01 31.76 2.07
C MET A 76 1.19 31.28 2.87
N THR A 77 1.98 30.41 2.24
CA THR A 77 3.17 29.82 2.87
C THR A 77 4.33 29.89 1.91
N CYS A 78 5.54 29.89 2.49
CA CYS A 78 6.78 29.77 1.75
C CYS A 78 7.33 28.32 1.86
N TYR A 79 7.59 27.73 0.69
CA TYR A 79 8.36 26.50 0.53
C TYR A 79 9.83 26.78 0.85
N LEU A 80 10.31 26.19 1.93
CA LEU A 80 11.70 26.36 2.33
C LEU A 80 12.62 25.58 1.38
N THR A 81 13.72 26.22 0.97
CA THR A 81 14.70 25.68 0.06
C THR A 81 16.10 26.07 0.53
N ASP A 82 17.13 25.34 0.09
CA ASP A 82 18.50 25.70 0.48
C ASP A 82 18.85 27.13 0.03
N SER A 83 18.30 27.54 -1.14
CA SER A 83 18.64 28.81 -1.79
C SER A 83 17.79 29.98 -1.30
N LEU A 84 16.79 29.70 -0.46
CA LEU A 84 15.91 30.74 0.07
C LEU A 84 16.66 31.76 0.91
N ASP A 85 16.58 33.01 0.48
CA ASP A 85 17.13 34.15 1.22
C ASP A 85 16.31 34.43 2.48
N PRO A 86 16.93 34.33 3.67
CA PRO A 86 16.20 34.71 4.88
C PRO A 86 15.52 36.09 4.84
N ASN A 87 16.11 37.07 4.15
CA ASN A 87 15.47 38.39 4.01
C ASN A 87 14.21 38.34 3.16
N GLU A 88 14.14 37.45 2.19
CA GLU A 88 12.94 37.34 1.38
C GLU A 88 11.78 36.79 2.20
N LEU A 89 12.06 35.77 2.99
CA LEU A 89 11.07 35.16 3.86
C LEU A 89 10.56 36.20 4.91
N GLU A 90 11.48 36.95 5.48
CA GLU A 90 11.12 37.94 6.47
C GLU A 90 10.25 39.04 5.89
N ARG A 91 10.63 39.57 4.73
CA ARG A 91 9.80 40.59 4.09
C ARG A 91 8.40 40.06 3.80
N GLY A 92 8.28 38.81 3.37
CA GLY A 92 6.96 38.20 3.17
C GLY A 92 6.14 38.08 4.46
N PHE A 93 6.79 37.70 5.54
CA PHE A 93 6.16 37.60 6.85
C PHE A 93 5.71 38.97 7.32
N ASN A 94 6.64 39.91 7.34
CA ASN A 94 6.38 41.32 7.66
C ASN A 94 5.29 42.00 6.81
N GLU A 95 5.18 41.64 5.53
CA GLU A 95 4.15 42.18 4.64
C GLU A 95 2.84 41.42 4.69
N GLY A 96 2.76 40.43 5.58
CA GLY A 96 1.58 39.62 5.73
C GLY A 96 1.31 38.75 4.53
N VAL A 97 2.30 38.56 3.68
CA VAL A 97 2.14 37.66 2.55
C VAL A 97 2.29 36.21 3.07
N PHE A 98 3.38 35.93 3.79
CA PHE A 98 3.60 34.59 4.35
C PHE A 98 3.11 34.51 5.79
N THR A 99 2.13 33.65 6.00
CA THR A 99 1.64 33.36 7.33
C THR A 99 2.58 32.36 8.03
N ALA A 100 3.15 31.44 7.25
CA ALA A 100 4.06 30.43 7.77
C ALA A 100 5.00 29.89 6.71
N ALA A 101 5.94 29.05 7.12
CA ALA A 101 6.86 28.39 6.18
C ALA A 101 6.77 26.89 6.38
N LEU A 103 8.38 23.10 5.70
CA LEU A 103 9.54 22.27 5.49
C LEU A 103 9.12 20.87 5.07
N TYR A 104 9.40 20.55 3.80
CA TYR A 104 9.24 19.19 3.29
C TYR A 104 10.51 18.39 3.53
N PRO A 105 10.38 17.05 3.61
CA PRO A 105 11.52 16.18 3.89
C PRO A 105 12.77 16.51 3.11
N ALA A 106 13.92 16.42 3.77
CA ALA A 106 15.19 16.73 3.15
C ALA A 106 15.66 15.60 2.22
N ASN A 107 16.53 15.99 1.29
CA ASN A 107 17.17 15.06 0.37
C ASN A 107 18.40 15.74 -0.20
N ALA A 108 19.56 15.09 -0.09
CA ALA A 108 20.82 15.62 -0.61
C ALA A 108 20.78 15.80 -2.14
N THR A 109 19.87 15.04 -2.77
CA THR A 109 19.68 15.02 -4.23
C THR A 109 18.91 16.25 -4.74
N THR A 110 18.16 16.91 -3.85
CA THR A 110 17.25 17.96 -4.26
C THR A 110 17.95 19.23 -4.74
N ASN A 111 17.40 19.80 -5.81
CA ASN A 111 17.92 21.04 -6.35
C ASN A 111 17.71 22.15 -5.33
N SER A 112 18.66 23.07 -5.20
CA SER A 112 18.59 24.10 -4.16
C SER A 112 17.41 25.06 -4.34
N SER A 113 16.85 25.13 -5.53
CA SER A 113 15.66 25.94 -5.81
C SER A 113 14.35 25.21 -5.51
N HIS A 114 14.41 23.92 -5.24
CA HIS A 114 13.20 23.12 -5.08
C HIS A 114 13.08 22.47 -3.72
N GLY A 115 14.12 22.55 -2.91
CA GLY A 115 14.02 22.01 -1.56
C GLY A 115 15.26 22.12 -0.74
N VAL A 116 15.27 21.34 0.32
CA VAL A 116 16.27 21.40 1.38
C VAL A 116 17.14 20.12 1.37
N THR A 117 18.46 20.28 1.43
CA THR A 117 19.38 19.13 1.52
C THR A 117 19.41 18.55 2.93
N SER A 118 19.33 19.43 3.91
CA SER A 118 19.28 19.07 5.31
C SER A 118 18.86 20.30 6.10
N VAL A 119 18.34 20.06 7.29
CA VAL A 119 17.99 21.12 8.24
C VAL A 119 19.22 21.96 8.59
N ASP A 120 20.33 21.27 8.84
CA ASP A 120 21.59 21.95 9.15
C ASP A 120 21.86 23.03 8.10
N ALA A 121 21.59 22.74 6.84
CA ALA A 121 21.94 23.67 5.76
C ALA A 121 21.05 24.91 5.71
N ILE A 122 19.90 24.87 6.38
CA ILE A 122 19.00 26.01 6.38
C ILE A 122 18.87 26.67 7.76
N MET A 123 19.89 26.57 8.62
CA MET A 123 19.77 27.19 9.95
C MET A 123 19.58 28.70 9.88
N PRO A 124 20.25 29.39 8.95
CA PRO A 124 20.01 30.83 8.88
C PRO A 124 18.54 31.21 8.67
N VAL A 125 17.83 30.54 7.77
CA VAL A 125 16.40 30.82 7.60
C VAL A 125 15.55 30.43 8.84
N LEU A 126 15.88 29.31 9.47
CA LEU A 126 15.12 28.84 10.63
C LEU A 126 15.33 29.75 11.85
N GLU A 127 16.55 30.24 12.01
CA GLU A 127 16.87 31.26 13.00
C GLU A 127 16.13 32.58 12.76
N ARG A 128 15.91 32.97 11.50
CA ARG A 128 15.14 34.20 11.27
CA ARG A 128 15.15 34.19 11.24
C ARG A 128 13.70 33.98 11.65
N MET A 129 13.20 32.76 11.44
CA MET A 129 11.81 32.44 11.75
C MET A 129 11.61 32.52 13.25
N GLU A 130 12.53 31.91 14.00
CA GLU A 130 12.49 31.91 15.46
C GLU A 130 12.52 33.33 16.00
N LYS A 131 13.34 34.17 15.35
CA LYS A 131 13.59 35.56 15.75
C LYS A 131 12.35 36.42 15.60
N ILE A 132 11.70 36.31 14.44
CA ILE A 132 10.48 37.08 14.14
C ILE A 132 9.16 36.37 14.52
N GLY A 133 9.24 35.16 15.09
CA GLY A 133 8.05 34.41 15.51
C GLY A 133 7.18 33.89 14.36
N MET A 134 7.82 33.47 13.28
CA MET A 134 7.10 32.84 12.18
C MET A 134 6.97 31.34 12.46
N PRO A 135 5.75 30.80 12.39
CA PRO A 135 5.62 29.35 12.58
C PRO A 135 6.19 28.52 11.42
N LEU A 136 6.84 27.41 11.79
CA LEU A 136 7.34 26.40 10.91
C LEU A 136 6.38 25.22 10.88
N LEU A 137 5.98 24.85 9.68
CA LEU A 137 5.08 23.72 9.48
C LEU A 137 5.94 22.65 8.86
N VAL A 138 5.86 21.43 9.40
CA VAL A 138 6.78 20.38 9.08
C VAL A 138 6.01 19.16 8.57
N HIS A 139 6.32 18.70 7.34
CA HIS A 139 5.96 17.36 6.92
C HIS A 139 7.07 16.45 7.52
N GLY A 140 6.73 15.75 8.59
CA GLY A 140 7.70 15.07 9.44
C GLY A 140 8.01 13.66 9.04
N GLU A 141 8.78 13.53 7.97
CA GLU A 141 9.33 12.24 7.49
C GLU A 141 10.79 12.36 7.02
N VAL A 142 11.57 11.31 7.27
CA VAL A 142 12.88 11.16 6.65
C VAL A 142 12.69 10.22 5.45
N THR A 143 13.33 10.53 4.33
CA THR A 143 13.06 9.80 3.08
C THR A 143 14.22 8.91 2.61
N HIS A 144 15.15 8.59 3.50
CA HIS A 144 16.27 7.73 3.14
C HIS A 144 15.70 6.41 2.64
N ALA A 145 16.32 5.91 1.56
CA ALA A 145 15.83 4.73 0.83
C ALA A 145 15.79 3.47 1.66
N ASP A 146 16.62 3.41 2.71
CA ASP A 146 16.72 2.21 3.55
C ASP A 146 15.86 2.29 4.83
N ILE A 147 15.01 3.30 4.90
CA ILE A 147 14.03 3.38 5.98
C ILE A 147 12.67 2.94 5.46
N ASP A 148 12.08 1.99 6.16
CA ASP A 148 10.76 1.49 5.83
C ASP A 148 9.73 2.61 5.92
N ILE A 149 8.79 2.64 4.97
CA ILE A 149 7.87 3.79 4.80
C ILE A 149 7.00 4.04 6.04
N PHE A 150 6.57 2.97 6.70
CA PHE A 150 5.87 3.02 8.00
C PHE A 150 6.69 3.57 9.17
N ASP A 151 8.02 3.54 9.07
CA ASP A 151 8.95 4.06 10.11
C ASP A 151 9.41 5.51 9.88
N ARG A 152 8.98 6.14 8.79
CA ARG A 152 9.60 7.42 8.37
C ARG A 152 9.29 8.60 9.28
N GLU A 153 8.09 8.58 9.85
CA GLU A 153 7.62 9.59 10.78
C GLU A 153 8.28 9.46 12.12
N ALA A 154 8.24 8.26 12.73
CA ALA A 154 8.89 8.07 14.02
C ALA A 154 10.38 8.45 13.95
N ARG A 155 11.04 8.04 12.87
CA ARG A 155 12.43 8.33 12.68
C ARG A 155 12.67 9.83 12.56
N PHE A 156 11.74 10.57 11.96
CA PHE A 156 11.89 12.03 11.84
C PHE A 156 11.88 12.69 13.21
N ILE A 157 11.01 12.18 14.08
CA ILE A 157 10.89 12.73 15.44
C ILE A 157 12.24 12.70 16.11
N GLU A 158 12.87 11.53 16.12
CA GLU A 158 14.11 11.34 16.88
C GLU A 158 15.32 12.03 16.25
N SER A 159 15.41 11.96 14.93
CA SER A 159 16.63 12.38 14.27
C SER A 159 16.55 13.82 13.75
N VAL A 160 15.35 14.38 13.55
CA VAL A 160 15.23 15.78 13.09
C VAL A 160 14.43 16.71 14.06
N MET A 161 13.21 16.32 14.41
CA MET A 161 12.31 17.21 15.13
C MET A 161 12.90 17.63 16.46
N GLU A 162 13.28 16.65 17.29
CA GLU A 162 13.72 16.93 18.64
C GLU A 162 15.06 17.68 18.66
N PRO A 163 16.04 17.24 17.84
CA PRO A 163 17.26 18.01 17.77
C PRO A 163 17.02 19.44 17.30
N LEU A 164 16.04 19.65 16.42
CA LEU A 164 15.74 21.00 15.93
C LEU A 164 15.12 21.89 17.01
N ARG A 165 14.14 21.33 17.73
CA ARG A 165 13.42 22.05 18.77
C ARG A 165 14.32 22.28 19.98
N GLN A 166 15.29 21.40 20.18
CA GLN A 166 16.24 21.56 21.27
C GLN A 166 17.25 22.64 20.90
N ARG A 167 17.41 22.91 19.61
CA ARG A 167 18.36 23.94 19.15
C ARG A 167 17.71 25.32 19.00
N LEU A 168 16.49 25.36 18.48
CA LEU A 168 15.73 26.61 18.34
C LEU A 168 14.55 26.59 19.28
N THR A 169 14.80 27.04 20.50
CA THR A 169 13.86 26.86 21.60
C THR A 169 12.68 27.80 21.56
N ALA A 170 12.80 28.92 20.83
CA ALA A 170 11.68 29.83 20.69
C ALA A 170 10.82 29.60 19.43
N LEU A 171 11.20 28.61 18.61
CA LEU A 171 10.52 28.33 17.34
C LEU A 171 9.18 27.62 17.55
N LYS A 172 8.13 28.23 17.00
CA LYS A 172 6.78 27.65 16.96
C LYS A 172 6.71 26.64 15.79
N VAL A 173 6.19 25.45 16.07
CA VAL A 173 6.24 24.37 15.11
C VAL A 173 4.92 23.66 15.06
N VAL A 174 4.40 23.43 13.85
CA VAL A 174 3.24 22.57 13.67
C VAL A 174 3.74 21.29 13.03
N PHE A 175 3.58 20.19 13.75
CA PHE A 175 3.83 18.87 13.22
C PHE A 175 2.60 18.51 12.34
N GLU A 176 2.72 18.72 11.02
CA GLU A 176 1.55 18.53 10.13
C GLU A 176 1.13 17.08 10.05
N HIS A 177 -0.16 16.88 9.79
CA HIS A 177 -0.76 15.56 9.54
C HIS A 177 -0.07 14.36 10.22
N ILE A 178 -0.09 14.37 11.54
CA ILE A 178 0.57 13.29 12.29
C ILE A 178 -0.25 12.02 12.11
N THR A 179 0.44 10.87 12.16
CA THR A 179 -0.16 9.62 11.79
C THR A 179 0.20 8.45 12.72
N THR A 180 0.91 8.77 13.80
CA THR A 180 1.47 7.79 14.68
C THR A 180 1.27 8.18 16.14
N LYS A 181 1.28 7.14 16.97
CA LYS A 181 1.27 7.31 18.38
C LYS A 181 2.56 8.02 18.79
N ASP A 182 3.65 7.70 18.10
CA ASP A 182 4.91 8.37 18.35
C ASP A 182 4.72 9.91 18.29
N ALA A 183 4.09 10.38 17.22
CA ALA A 183 3.84 11.82 17.04
C ALA A 183 2.79 12.32 18.03
N ALA A 184 1.79 11.48 18.30
CA ALA A 184 0.69 11.88 19.16
C ALA A 184 1.23 12.14 20.58
N ASP A 185 2.05 11.22 21.09
CA ASP A 185 2.64 11.36 22.41
C ASP A 185 3.67 12.50 22.45
N TYR A 186 4.44 12.61 21.38
CA TYR A 186 5.48 13.61 21.30
C TYR A 186 4.80 14.97 21.41
N VAL A 187 3.69 15.13 20.70
CA VAL A 187 3.00 16.41 20.66
C VAL A 187 2.25 16.61 21.98
N ARG A 188 1.58 15.58 22.47
CA ARG A 188 0.90 15.69 23.77
C ARG A 188 1.86 16.16 24.86
N ASP A 189 3.10 15.63 24.85
CA ASP A 189 4.05 15.90 25.91
C ASP A 189 4.90 17.12 25.60
N GLY A 190 4.55 17.87 24.57
CA GLY A 190 5.33 19.04 24.22
C GLY A 190 4.94 20.32 24.94
N ASN A 191 5.64 21.39 24.61
CA ASN A 191 5.31 22.67 25.19
C ASN A 191 4.35 23.47 24.29
N GLU A 192 4.13 24.70 24.68
CA GLU A 192 3.19 25.60 24.04
C GLU A 192 3.60 25.99 22.65
N ARG A 193 4.88 25.77 22.29
CA ARG A 193 5.38 26.13 20.95
C ARG A 193 5.29 24.97 19.92
N LEU A 194 4.61 23.91 20.30
CA LEU A 194 4.44 22.72 19.47
C LEU A 194 2.96 22.35 19.36
N ALA A 195 2.50 22.16 18.12
CA ALA A 195 1.14 21.75 17.82
C ALA A 195 1.14 20.77 16.66
N ALA A 196 -0.07 20.31 16.27
CA ALA A 196 -0.23 19.33 15.19
C ALA A 196 -1.58 19.47 14.50
N THR A 197 -1.61 19.17 13.20
CA THR A 197 -2.85 18.94 12.47
C THR A 197 -3.06 17.43 12.25
N ILE A 198 -4.32 17.04 12.10
CA ILE A 198 -4.71 15.68 11.79
C ILE A 198 -5.78 15.69 10.69
N THR A 199 -5.60 14.85 9.67
CA THR A 199 -6.55 14.71 8.55
C THR A 199 -7.71 13.86 8.97
N PRO A 200 -8.81 13.94 8.21
CA PRO A 200 -9.90 13.02 8.54
C PRO A 200 -9.53 11.56 8.29
N GLN A 201 -8.76 11.28 7.22
CA GLN A 201 -8.45 9.88 6.86
C GLN A 201 -7.65 9.15 7.92
N HIS A 202 -6.75 9.87 8.59
CA HIS A 202 -5.91 9.24 9.61
C HIS A 202 -6.68 9.00 10.88
N LEU A 203 -7.80 9.67 11.05
CA LEU A 203 -8.71 9.40 12.17
C LEU A 203 -9.66 8.29 11.84
N MET A 204 -10.16 8.28 10.61
CA MET A 204 -11.21 7.34 10.26
C MET A 204 -10.73 5.96 9.91
N PHE A 205 -9.55 5.89 9.30
CA PHE A 205 -9.04 4.63 8.76
C PHE A 205 -7.62 4.34 9.24
N ASN A 206 -7.23 3.08 9.04
CA ASN A 206 -5.84 2.64 9.13
C ASN A 206 -5.48 1.86 7.86
N ARG A 207 -4.25 1.36 7.81
CA ARG A 207 -3.69 0.72 6.61
C ARG A 207 -4.51 -0.44 6.06
N ASN A 208 -5.14 -1.22 6.94
CA ASN A 208 -6.05 -2.26 6.47
C ASN A 208 -7.12 -1.73 5.51
N HIS A 209 -7.65 -0.54 5.76
CA HIS A 209 -8.67 0.04 4.86
C HIS A 209 -8.13 0.28 3.44
N MET A 210 -6.83 0.53 3.33
CA MET A 210 -6.17 0.77 2.03
C MET A 210 -5.73 -0.52 1.34
N LEU A 211 -5.62 -1.63 2.08
CA LEU A 211 -4.89 -2.80 1.57
C LEU A 211 -5.57 -4.15 1.71
N VAL A 212 -6.57 -4.27 2.57
CA VAL A 212 -7.26 -5.55 2.72
C VAL A 212 -8.37 -5.64 1.68
N GLY A 213 -8.42 -6.77 0.96
CA GLY A 213 -9.38 -7.02 -0.12
C GLY A 213 -9.29 -6.12 -1.36
N GLY A 214 -8.11 -5.54 -1.60
CA GLY A 214 -7.88 -4.68 -2.75
C GLY A 214 -7.03 -3.48 -2.43
N VAL A 215 -6.35 -2.97 -3.43
CA VAL A 215 -5.53 -1.80 -3.20
C VAL A 215 -6.29 -0.53 -3.54
N ARG A 216 -6.42 0.37 -2.56
CA ARG A 216 -7.26 1.55 -2.70
C ARG A 216 -6.44 2.84 -2.76
N PRO A 217 -6.07 3.24 -3.99
CA PRO A 217 -5.18 4.40 -4.15
C PRO A 217 -5.77 5.73 -3.68
N HIS A 218 -7.11 5.82 -3.62
CA HIS A 218 -7.77 7.01 -3.07
C HIS A 218 -7.57 7.18 -1.55
N LEU A 219 -7.21 6.09 -0.89
CA LEU A 219 -6.76 6.17 0.50
C LEU A 219 -5.23 6.30 0.59
N TYR A 220 -4.53 6.23 -0.55
CA TYR A 220 -3.07 6.40 -0.57
C TYR A 220 -2.72 7.87 -0.50
N CYS A 221 -2.06 8.22 0.60
CA CYS A 221 -1.51 9.55 0.81
C CYS A 221 -0.23 9.43 1.66
N LEU A 222 0.44 10.56 1.81
CA LEU A 222 1.61 10.68 2.71
C LEU A 222 1.34 11.70 3.83
N PRO A 223 1.74 11.38 5.06
CA PRO A 223 2.38 10.15 5.45
C PRO A 223 1.39 8.98 5.31
N ILE A 224 1.90 7.78 5.04
CA ILE A 224 1.08 6.61 4.83
C ILE A 224 0.23 6.27 6.07
N LEU A 225 -0.99 5.80 5.84
CA LEU A 225 -1.85 5.25 6.87
C LEU A 225 -1.11 4.12 7.62
N LYS A 226 -1.21 4.11 8.94
CA LYS A 226 -0.41 3.20 9.78
C LYS A 226 -1.30 2.13 10.38
N ARG A 227 -0.74 1.22 11.17
CA ARG A 227 -1.57 0.18 11.81
C ARG A 227 -2.51 0.81 12.83
N ASN A 228 -3.58 0.08 13.14
CA ASN A 228 -4.69 0.57 13.97
C ASN A 228 -4.27 1.16 15.32
N ILE A 229 -3.23 0.62 15.97
CA ILE A 229 -2.81 1.22 17.23
C ILE A 229 -2.49 2.68 17.06
N HIS A 230 -2.08 3.07 15.87
CA HIS A 230 -1.72 4.47 15.63
C HIS A 230 -2.98 5.30 15.41
N GLN A 231 -3.89 4.80 14.56
CA GLN A 231 -5.21 5.38 14.37
C GLN A 231 -5.93 5.62 15.70
N GLN A 232 -5.89 4.65 16.60
CA GLN A 232 -6.49 4.78 17.92
C GLN A 232 -5.77 5.86 18.79
N ALA A 233 -4.44 5.92 18.77
CA ALA A 233 -3.76 6.97 19.52
C ALA A 233 -4.18 8.37 19.03
N LEU A 234 -4.49 8.48 17.75
CA LEU A 234 -4.82 9.79 17.16
C LEU A 234 -6.23 10.20 17.55
N ARG A 235 -7.15 9.25 17.46
CA ARG A 235 -8.51 9.46 17.90
C ARG A 235 -8.58 9.82 19.38
N GLU A 236 -7.85 9.09 20.21
CA GLU A 236 -7.78 9.41 21.63
C GLU A 236 -7.26 10.81 21.89
N LEU A 237 -6.30 11.25 21.09
CA LEU A 237 -5.71 12.56 21.31
C LEU A 237 -6.71 13.69 21.05
N VAL A 238 -7.43 13.63 19.92
CA VAL A 238 -8.44 14.68 19.64
C VAL A 238 -9.59 14.59 20.64
N ALA A 239 -10.02 13.37 20.97
CA ALA A 239 -11.10 13.13 21.92
C ALA A 239 -10.76 13.63 23.33
N SER A 240 -9.47 13.66 23.67
CA SER A 240 -9.02 14.15 24.98
C SER A 240 -9.32 15.63 25.23
N GLY A 241 -9.47 16.42 24.17
CA GLY A 241 -9.68 17.86 24.29
C GLY A 241 -8.39 18.64 24.28
N PHE A 242 -7.26 17.93 24.10
CA PHE A 242 -5.96 18.54 23.91
C PHE A 242 -6.04 19.71 22.92
N ASN A 243 -5.51 20.85 23.31
CA ASN A 243 -5.79 22.08 22.59
C ASN A 243 -4.72 22.58 21.61
N ARG A 244 -3.69 21.78 21.41
CA ARG A 244 -2.69 22.08 20.40
C ARG A 244 -2.74 21.03 19.27
N VAL A 245 -3.92 20.49 19.07
CA VAL A 245 -4.21 19.78 17.86
C VAL A 245 -5.39 20.49 17.22
N PHE A 246 -5.33 20.61 15.90
CA PHE A 246 -6.40 21.26 15.17
C PHE A 246 -6.58 20.72 13.77
N LEU A 247 -7.67 21.15 13.14
CA LEU A 247 -8.07 20.71 11.82
C LEU A 247 -7.09 21.12 10.72
N GLY A 248 -6.56 20.13 10.01
CA GLY A 248 -5.90 20.37 8.72
C GLY A 248 -6.25 19.21 7.86
N THR A 249 -6.94 19.46 6.77
CA THR A 249 -7.46 18.34 5.96
C THR A 249 -6.37 17.60 5.20
N ASP A 250 -5.31 18.34 4.84
CA ASP A 250 -4.40 17.92 3.78
C ASP A 250 -5.17 17.47 2.51
N SER A 251 -6.22 18.23 2.15
CA SER A 251 -6.92 17.96 0.92
C SER A 251 -5.94 18.20 -0.19
N ALA A 252 -5.82 17.20 -1.06
CA ALA A 252 -4.65 17.07 -1.95
C ALA A 252 -5.11 16.36 -3.20
N PRO A 253 -5.79 17.09 -4.08
CA PRO A 253 -6.48 16.52 -5.24
C PRO A 253 -5.55 16.12 -6.39
N HIS A 254 -5.82 14.94 -6.97
CA HIS A 254 -5.22 14.52 -8.24
C HIS A 254 -6.32 14.00 -9.17
N ALA A 255 -6.18 14.32 -10.46
CA ALA A 255 -7.02 13.79 -11.51
C ALA A 255 -7.10 12.26 -11.37
N ARG A 256 -8.24 11.70 -11.79
CA ARG A 256 -8.49 10.28 -11.58
C ARG A 256 -7.38 9.41 -12.19
N HIS A 257 -7.02 9.70 -13.43
CA HIS A 257 -6.01 8.92 -14.16
C HIS A 257 -4.62 8.91 -13.48
N ARG A 258 -4.33 9.93 -12.68
CA ARG A 258 -3.09 9.98 -11.92
C ARG A 258 -3.17 9.22 -10.60
N LYS A 259 -4.38 8.92 -10.16
CA LYS A 259 -4.59 8.18 -8.89
C LYS A 259 -4.68 6.69 -9.14
N GLU A 260 -5.44 6.33 -10.17
CA GLU A 260 -5.70 4.97 -10.62
C GLU A 260 -4.76 4.59 -11.76
N SER A 261 -3.45 4.74 -11.52
CA SER A 261 -2.43 4.41 -12.50
C SER A 261 -1.55 3.24 -11.99
N SER A 262 -0.52 2.93 -12.79
CA SER A 262 0.50 1.95 -12.43
C SER A 262 1.39 2.52 -11.34
N CYS A 263 1.27 3.82 -11.08
CA CYS A 263 2.02 4.45 -10.03
C CYS A 263 1.22 5.64 -9.52
N GLY A 264 0.30 5.35 -8.59
CA GLY A 264 -0.65 6.35 -8.12
C GLY A 264 -0.08 7.44 -7.23
N CYS A 265 -0.39 8.69 -7.56
CA CYS A 265 -0.08 9.84 -6.73
C CYS A 265 -0.71 9.81 -5.33
N ALA A 266 0.02 10.31 -4.35
CA ALA A 266 -0.41 10.40 -2.96
C ALA A 266 -1.28 11.63 -2.76
N GLY A 267 -2.40 11.46 -2.06
CA GLY A 267 -3.27 12.54 -1.65
C GLY A 267 -4.75 12.21 -1.80
N CYS A 268 -5.52 12.52 -0.75
CA CYS A 268 -6.96 12.40 -0.74
C CYS A 268 -7.64 13.77 -1.01
N PHE A 269 -8.61 13.80 -1.91
CA PHE A 269 -9.42 15.04 -2.08
C PHE A 269 -10.59 15.01 -1.10
N ASN A 270 -10.31 15.49 0.11
CA ASN A 270 -11.23 15.40 1.23
C ASN A 270 -11.93 16.69 1.61
N ALA A 271 -11.59 17.80 0.95
CA ALA A 271 -12.27 19.08 1.24
C ALA A 271 -13.79 18.96 1.27
N PRO A 272 -14.42 18.27 0.27
CA PRO A 272 -15.89 18.19 0.27
C PRO A 272 -16.53 17.46 1.47
N THR A 273 -15.79 16.56 2.11
CA THR A 273 -16.35 15.64 3.09
C THR A 273 -15.65 15.68 4.47
N ALA A 274 -14.59 16.46 4.58
CA ALA A 274 -13.74 16.39 5.77
C ALA A 274 -14.47 16.85 7.05
N LEU A 275 -15.26 17.92 6.96
CA LEU A 275 -15.87 18.50 8.17
C LEU A 275 -16.85 17.53 8.80
N GLY A 276 -17.75 17.00 7.98
CA GLY A 276 -18.68 15.97 8.43
C GLY A 276 -18.01 14.72 8.97
N SER A 277 -16.87 14.38 8.37
CA SER A 277 -16.09 13.21 8.74
C SER A 277 -15.45 13.38 10.11
N TYR A 278 -14.86 14.54 10.37
CA TYR A 278 -14.36 14.86 11.72
C TYR A 278 -15.50 14.80 12.77
N ALA A 279 -16.64 15.37 12.41
CA ALA A 279 -17.81 15.36 13.28
C ALA A 279 -18.24 13.93 13.63
N THR A 280 -18.29 13.06 12.61
CA THR A 280 -18.57 11.62 12.84
C THR A 280 -17.57 10.99 13.83
N VAL A 281 -16.28 11.35 13.71
CA VAL A 281 -15.23 10.81 14.61
C VAL A 281 -15.36 11.30 16.05
N PHE A 282 -15.57 12.60 16.23
CA PHE A 282 -15.77 13.13 17.58
C PHE A 282 -16.99 12.49 18.26
N GLU A 283 -18.06 12.28 17.50
CA GLU A 283 -19.25 11.60 18.01
C GLU A 283 -18.94 10.19 18.50
N GLU A 284 -18.23 9.42 17.68
CA GLU A 284 -17.92 8.02 17.97
C GLU A 284 -17.00 7.92 19.19
N MET A 285 -16.17 8.93 19.36
CA MET A 285 -15.31 9.02 20.52
C MET A 285 -15.99 9.64 21.75
N ASN A 286 -17.30 9.93 21.63
CA ASN A 286 -18.09 10.55 22.69
C ASN A 286 -17.49 11.88 23.13
N ALA A 287 -17.12 12.73 22.18
CA ALA A 287 -16.28 13.88 22.46
C ALA A 287 -16.67 15.12 21.68
N LEU A 288 -17.95 15.27 21.35
CA LEU A 288 -18.41 16.43 20.58
C LEU A 288 -18.13 17.74 21.30
N GLN A 289 -18.09 17.68 22.61
CA GLN A 289 -17.74 18.85 23.42
C GLN A 289 -16.43 19.48 22.96
N HIS A 290 -15.55 18.71 22.33
CA HIS A 290 -14.24 19.24 21.90
C HIS A 290 -14.11 19.49 20.38
N PHE A 291 -15.16 19.13 19.64
CA PHE A 291 -15.21 19.28 18.19
C PHE A 291 -15.01 20.74 17.72
N GLU A 292 -15.78 21.67 18.25
CA GLU A 292 -15.64 23.08 17.85
C GLU A 292 -14.19 23.57 17.99
N ALA A 293 -13.57 23.27 19.14
CA ALA A 293 -12.26 23.84 19.46
C ALA A 293 -11.26 23.33 18.46
N PHE A 294 -11.36 22.06 18.10
CA PHE A 294 -10.52 21.46 17.07
C PHE A 294 -10.69 22.15 15.71
N CYS A 295 -11.93 22.35 15.28
CA CYS A 295 -12.20 23.01 14.00
C CYS A 295 -11.95 24.52 13.93
N SER A 296 -12.19 25.22 15.04
CA SER A 296 -12.43 26.66 14.98
C SER A 296 -11.71 27.53 16.02
N VAL A 297 -10.97 26.92 16.93
CA VAL A 297 -10.38 27.66 18.07
C VAL A 297 -8.89 27.39 18.32
N ASN A 298 -8.50 26.12 18.35
CA ASN A 298 -7.13 25.72 18.63
C ASN A 298 -6.13 26.29 17.61
N GLY A 299 -6.47 26.17 16.34
CA GLY A 299 -5.64 26.71 15.24
C GLY A 299 -5.36 28.19 15.42
N PRO A 300 -6.42 29.02 15.43
CA PRO A 300 -6.24 30.45 15.64
C PRO A 300 -5.39 30.84 16.86
N GLN A 301 -5.63 30.19 17.99
CA GLN A 301 -4.86 30.46 19.20
C GLN A 301 -3.38 30.18 18.98
N PHE A 302 -3.06 29.04 18.37
CA PHE A 302 -1.65 28.74 18.08
C PHE A 302 -1.04 29.77 17.15
N TYR A 303 -1.76 30.16 16.11
CA TYR A 303 -1.23 31.10 15.15
C TYR A 303 -1.34 32.57 15.56
N GLY A 304 -2.01 32.85 16.68
CA GLY A 304 -2.17 34.21 17.16
C GLY A 304 -3.16 35.01 16.32
N LEU A 305 -4.20 34.34 15.82
CA LEU A 305 -5.19 34.96 14.94
C LEU A 305 -6.58 34.89 15.57
N PRO A 306 -7.49 35.78 15.13
CA PRO A 306 -8.84 35.77 15.72
C PRO A 306 -9.63 34.51 15.40
N VAL A 307 -10.54 34.22 16.31
CA VAL A 307 -11.50 33.17 16.13
C VAL A 307 -12.58 33.76 15.24
N ASN A 308 -13.03 32.99 14.25
CA ASN A 308 -14.16 33.37 13.42
C ASN A 308 -15.37 33.73 14.30
N ASP A 309 -16.10 34.76 13.91
CA ASP A 309 -17.25 35.26 14.70
C ASP A 309 -18.61 34.95 14.04
N THR A 310 -18.59 34.27 12.89
CA THR A 310 -19.80 33.69 12.34
C THR A 310 -19.86 32.19 12.63
N PHE A 311 -21.05 31.62 12.42
CA PHE A 311 -21.35 30.25 12.77
C PHE A 311 -21.82 29.48 11.58
N ILE A 312 -21.75 28.16 11.73
CA ILE A 312 -22.08 27.22 10.68
C ILE A 312 -22.74 26.02 11.39
N GLU A 313 -23.67 25.35 10.71
CA GLU A 313 -24.38 24.24 11.34
C GLU A 313 -24.27 22.96 10.55
N LEU A 314 -23.90 21.87 11.21
CA LEU A 314 -23.97 20.53 10.62
C LEU A 314 -25.24 19.85 11.09
N VAL A 315 -25.85 19.06 10.23
CA VAL A 315 -27.03 18.29 10.56
C VAL A 315 -26.71 16.81 10.40
N ARG A 316 -27.23 15.97 11.30
CA ARG A 316 -27.09 14.53 11.16
C ARG A 316 -28.15 14.00 10.19
N GLU A 317 -28.07 14.45 8.94
CA GLU A 317 -28.88 13.91 7.87
C GLU A 317 -27.96 13.24 6.89
N GLU A 318 -28.19 11.94 6.70
CA GLU A 318 -27.42 11.12 5.78
C GLU A 318 -27.49 11.69 4.38
N GLN A 319 -26.32 11.92 3.81
CA GLN A 319 -26.16 12.39 2.44
C GLN A 319 -25.16 11.50 1.67
N GLN A 320 -25.47 11.18 0.41
CA GLN A 320 -24.52 10.50 -0.46
C GLN A 320 -23.50 11.46 -1.05
N VAL A 321 -22.24 11.01 -1.04
CA VAL A 321 -21.11 11.70 -1.62
C VAL A 321 -21.03 11.39 -3.12
N ALA A 322 -20.80 12.43 -3.93
CA ALA A 322 -20.76 12.27 -5.37
C ALA A 322 -19.73 11.23 -5.75
N GLU A 323 -20.00 10.46 -6.82
CA GLU A 323 -19.03 9.48 -7.31
C GLU A 323 -17.78 10.17 -7.90
N SER A 324 -17.99 11.32 -8.54
CA SER A 324 -16.89 12.11 -9.10
C SER A 324 -17.25 13.57 -9.37
N ILE A 325 -16.20 14.35 -9.60
CA ILE A 325 -16.33 15.79 -9.75
C ILE A 325 -15.58 16.17 -11.01
N ALA A 326 -16.30 16.78 -11.94
CA ALA A 326 -15.77 17.08 -13.25
C ALA A 326 -14.72 18.21 -13.25
N LEU A 327 -13.66 18.00 -14.03
CA LEU A 327 -12.64 19.00 -14.30
C LEU A 327 -12.70 19.28 -15.78
N THR A 328 -11.88 20.22 -16.25
CA THR A 328 -11.85 20.52 -17.66
C THR A 328 -11.59 19.26 -18.49
N ASP A 329 -10.59 18.46 -18.12
CA ASP A 329 -10.15 17.34 -18.96
C ASP A 329 -10.37 15.93 -18.39
N ASP A 330 -10.20 15.76 -17.08
CA ASP A 330 -10.47 14.46 -16.44
C ASP A 330 -11.55 14.67 -15.39
N THR A 331 -11.68 13.73 -14.47
CA THR A 331 -12.50 13.92 -13.29
C THR A 331 -11.67 13.72 -12.02
N LEU A 332 -12.27 14.14 -10.93
CA LEU A 332 -11.70 14.09 -9.63
C LEU A 332 -12.61 13.19 -8.79
N VAL A 333 -12.04 12.22 -8.10
CA VAL A 333 -12.81 11.33 -7.21
C VAL A 333 -12.66 11.89 -5.79
N PRO A 334 -13.77 12.35 -5.19
CA PRO A 334 -13.64 12.81 -3.83
C PRO A 334 -13.37 11.67 -2.85
N PHE A 335 -12.86 12.07 -1.70
CA PHE A 335 -12.67 11.21 -0.54
C PHE A 335 -14.07 10.71 -0.15
N LEU A 336 -14.19 9.40 -0.03
CA LEU A 336 -15.45 8.73 0.31
C LEU A 336 -16.51 8.77 -0.80
N ALA A 337 -16.06 8.85 -2.06
CA ALA A 337 -16.97 8.95 -3.21
C ALA A 337 -18.06 7.88 -3.18
N GLY A 338 -19.29 8.27 -3.48
CA GLY A 338 -20.41 7.33 -3.55
C GLY A 338 -20.90 6.78 -2.22
N GLU A 339 -20.29 7.17 -1.11
CA GLU A 339 -20.71 6.69 0.21
C GLU A 339 -21.70 7.62 0.90
N THR A 340 -22.34 7.12 1.96
CA THR A 340 -23.34 7.87 2.71
C THR A 340 -22.72 8.44 3.99
N VAL A 341 -22.36 9.72 3.94
CA VAL A 341 -21.77 10.42 5.07
C VAL A 341 -22.87 10.82 6.10
N ARG A 342 -22.51 10.80 7.39
CA ARG A 342 -23.44 10.91 8.53
C ARG A 342 -23.88 12.34 8.83
N TRP A 343 -22.93 13.26 8.77
CA TRP A 343 -23.13 14.66 9.09
C TRP A 343 -22.93 15.46 7.83
N SER A 344 -23.79 16.44 7.60
CA SER A 344 -23.73 17.31 6.43
C SER A 344 -23.94 18.77 6.83
N VAL A 345 -23.29 19.69 6.13
CA VAL A 345 -23.45 21.14 6.38
C VAL A 345 -24.81 21.58 5.87
N LYS A 346 -25.52 22.35 6.70
CA LYS A 346 -26.93 22.71 6.46
C LYS A 346 -27.13 23.62 5.26
N SER B 4 26.79 -12.73 -21.79
CA SER B 4 27.74 -13.80 -22.23
C SER B 4 27.59 -15.08 -21.39
N GLN B 5 27.45 -14.93 -20.08
CA GLN B 5 27.31 -16.09 -19.20
C GLN B 5 26.04 -16.88 -19.51
N VAL B 6 26.18 -18.20 -19.57
CA VAL B 6 25.05 -19.11 -19.84
C VAL B 6 24.94 -20.08 -18.66
N LEU B 7 23.72 -20.26 -18.21
CA LEU B 7 23.44 -21.14 -17.08
C LEU B 7 22.46 -22.21 -17.55
N LYS B 8 22.94 -23.46 -17.65
CA LYS B 8 22.11 -24.58 -18.05
C LYS B 8 21.57 -25.30 -16.82
N ILE B 9 20.23 -25.45 -16.80
CA ILE B 9 19.54 -26.13 -15.74
C ILE B 9 18.55 -27.12 -16.30
N ARG B 10 18.29 -28.16 -15.50
CA ARG B 10 17.22 -29.10 -15.73
C ARG B 10 15.92 -28.32 -15.88
N ARG B 11 15.05 -28.75 -16.78
CA ARG B 11 13.78 -28.01 -17.00
C ARG B 11 13.01 -27.82 -15.69
N PRO B 12 12.60 -26.57 -15.41
CA PRO B 12 11.94 -26.32 -14.14
C PRO B 12 10.44 -26.70 -14.18
N ASP B 13 9.80 -26.61 -13.01
CA ASP B 13 8.36 -26.71 -12.87
C ASP B 13 7.92 -25.54 -12.00
N ASP B 14 6.64 -25.19 -12.06
CA ASP B 14 6.04 -24.14 -11.23
C ASP B 14 5.04 -24.76 -10.25
N TRP B 15 5.37 -24.73 -8.97
CA TRP B 15 4.58 -25.47 -7.96
C TRP B 15 3.48 -24.61 -7.34
N HIS B 16 3.23 -23.45 -7.94
CA HIS B 16 2.14 -22.58 -7.57
C HIS B 16 1.78 -21.65 -8.74
N LEU B 17 0.72 -21.97 -9.48
CA LEU B 17 0.32 -21.19 -10.66
C LEU B 17 -1.18 -20.88 -10.78
N HIS B 18 -1.50 -19.65 -11.18
CA HIS B 18 -2.89 -19.27 -11.52
C HIS B 18 -3.00 -19.09 -13.01
N LEU B 19 -3.78 -19.97 -13.63
CA LEU B 19 -4.00 -19.94 -15.07
C LEU B 19 -5.32 -19.29 -15.48
N ARG B 20 -6.19 -18.99 -14.51
CA ARG B 20 -7.51 -18.45 -14.82
C ARG B 20 -8.27 -19.37 -15.78
N ASP B 21 -9.14 -18.80 -16.60
CA ASP B 21 -9.93 -19.57 -17.54
C ASP B 21 -10.27 -18.74 -18.77
N GLY B 22 -10.80 -19.38 -19.80
CA GLY B 22 -11.35 -18.62 -20.94
C GLY B 22 -10.29 -17.95 -21.81
N ASP B 23 -10.55 -16.71 -22.22
CA ASP B 23 -9.62 -15.99 -23.09
C ASP B 23 -8.31 -15.64 -22.40
N MET B 24 -8.38 -15.35 -21.10
CA MET B 24 -7.19 -15.09 -20.28
C MET B 24 -6.30 -16.32 -20.20
N LEU B 25 -6.90 -17.48 -19.91
CA LEU B 25 -6.16 -18.75 -19.98
C LEU B 25 -5.40 -18.92 -21.31
N LYS B 26 -6.09 -18.75 -22.43
CA LYS B 26 -5.43 -18.85 -23.75
C LYS B 26 -4.19 -17.94 -23.84
N THR B 27 -4.30 -16.70 -23.36
CA THR B 27 -3.20 -15.75 -23.42
C THR B 27 -2.03 -16.11 -22.47
N VAL B 28 -2.34 -16.62 -21.29
CA VAL B 28 -1.30 -16.82 -20.26
C VAL B 28 -0.61 -18.19 -20.25
N VAL B 29 -1.26 -19.28 -20.70
CA VAL B 29 -0.59 -20.59 -20.57
C VAL B 29 0.75 -20.67 -21.33
N PRO B 30 0.82 -20.10 -22.56
CA PRO B 30 2.08 -20.22 -23.31
C PRO B 30 3.29 -19.68 -22.56
N TYR B 31 3.11 -18.63 -21.76
CA TYR B 31 4.21 -18.08 -20.96
C TYR B 31 4.74 -19.11 -19.94
N THR B 32 3.87 -20.02 -19.50
CA THR B 32 4.25 -21.14 -18.67
C THR B 32 4.65 -22.37 -19.47
N SER B 33 3.78 -22.83 -20.37
CA SER B 33 4.02 -24.12 -21.06
C SER B 33 5.32 -24.16 -21.86
N GLU B 34 5.80 -22.99 -22.31
CA GLU B 34 7.01 -22.93 -23.13
C GLU B 34 8.31 -23.13 -22.34
N ILE B 35 8.22 -22.97 -21.01
CA ILE B 35 9.36 -23.07 -20.11
C ILE B 35 9.28 -24.27 -19.16
N TYR B 36 8.15 -24.38 -18.45
CA TYR B 36 8.03 -25.28 -17.29
C TYR B 36 7.49 -26.59 -17.75
N GLY B 37 8.02 -27.68 -17.18
CA GLY B 37 7.61 -29.03 -17.56
C GLY B 37 6.26 -29.38 -16.97
N ARG B 38 6.07 -28.94 -15.73
CA ARG B 38 4.81 -29.13 -15.02
C ARG B 38 4.47 -27.85 -14.26
N ALA B 39 3.20 -27.70 -13.93
CA ALA B 39 2.75 -26.68 -12.98
C ALA B 39 1.58 -27.15 -12.10
N ILE B 40 1.65 -26.79 -10.81
CA ILE B 40 0.51 -26.88 -9.92
C ILE B 40 -0.45 -25.73 -10.27
N VAL B 41 -1.62 -26.12 -10.80
CA VAL B 41 -2.64 -25.17 -11.24
C VAL B 41 -3.64 -25.06 -10.09
N MET B 42 -3.72 -23.88 -9.50
CA MET B 42 -4.62 -23.67 -8.37
C MET B 42 -6.08 -23.67 -8.82
N PRO B 43 -7.01 -23.95 -7.88
CA PRO B 43 -8.42 -24.17 -8.23
C PRO B 43 -9.35 -22.98 -8.02
N ASN B 44 -8.82 -21.80 -7.72
CA ASN B 44 -9.68 -20.66 -7.38
C ASN B 44 -10.34 -20.01 -8.63
N LEU B 45 -11.03 -20.83 -9.41
CA LEU B 45 -11.93 -20.36 -10.45
C LEU B 45 -13.23 -19.80 -9.84
N ALA B 46 -14.04 -19.15 -10.67
CA ALA B 46 -15.33 -18.65 -10.26
C ALA B 46 -16.41 -19.28 -11.14
N PRO B 47 -17.00 -20.40 -10.73
CA PRO B 47 -16.89 -21.08 -9.43
C PRO B 47 -15.64 -21.95 -9.32
N PRO B 48 -15.21 -22.26 -8.09
CA PRO B 48 -13.99 -23.01 -7.82
C PRO B 48 -14.04 -24.49 -8.23
N VAL B 49 -12.86 -25.07 -8.47
CA VAL B 49 -12.74 -26.48 -8.84
C VAL B 49 -12.83 -27.32 -7.57
N THR B 50 -14.00 -27.89 -7.33
CA THR B 50 -14.26 -28.65 -6.11
C THR B 50 -14.60 -30.11 -6.38
N THR B 51 -14.55 -30.51 -7.65
CA THR B 51 -14.91 -31.88 -8.08
C THR B 51 -13.97 -32.38 -9.17
N VAL B 52 -13.84 -33.70 -9.25
CA VAL B 52 -13.05 -34.34 -10.31
C VAL B 52 -13.48 -33.85 -11.69
N GLU B 53 -14.76 -33.97 -12.00
CA GLU B 53 -15.31 -33.62 -13.31
C GLU B 53 -14.91 -32.18 -13.71
N ALA B 54 -15.07 -31.24 -12.80
CA ALA B 54 -14.65 -29.85 -13.05
C ALA B 54 -13.16 -29.77 -13.35
N ALA B 55 -12.37 -30.60 -12.66
CA ALA B 55 -10.91 -30.62 -12.85
C ALA B 55 -10.49 -31.26 -14.17
N VAL B 56 -11.20 -32.32 -14.55
CA VAL B 56 -10.93 -33.02 -15.80
C VAL B 56 -11.22 -32.09 -16.98
N ALA B 57 -12.34 -31.38 -16.90
CA ALA B 57 -12.68 -30.38 -17.92
C ALA B 57 -11.71 -29.23 -17.89
N TYR B 58 -11.28 -28.83 -16.70
CA TYR B 58 -10.38 -27.70 -16.57
C TYR B 58 -9.02 -28.06 -17.17
N ARG B 59 -8.50 -29.21 -16.77
CA ARG B 59 -7.27 -29.73 -17.34
C ARG B 59 -7.26 -29.71 -18.87
N GLN B 60 -8.41 -30.06 -19.47
CA GLN B 60 -8.50 -30.16 -20.92
C GLN B 60 -8.64 -28.77 -21.55
N ARG B 61 -9.23 -27.83 -20.84
CA ARG B 61 -9.26 -26.45 -21.34
C ARG B 61 -7.85 -25.91 -21.36
N ILE B 62 -7.06 -26.31 -20.36
CA ILE B 62 -5.66 -25.94 -20.25
C ILE B 62 -4.84 -26.57 -21.39
N LEU B 63 -5.01 -27.88 -21.59
CA LEU B 63 -4.24 -28.60 -22.61
C LEU B 63 -4.56 -28.10 -24.03
N ASP B 64 -5.81 -27.70 -24.27
CA ASP B 64 -6.23 -27.20 -25.59
C ASP B 64 -5.50 -25.90 -25.97
N ALA B 65 -5.04 -25.15 -24.98
CA ALA B 65 -4.40 -23.85 -25.21
C ALA B 65 -2.87 -23.93 -25.17
N VAL B 66 -2.34 -25.14 -24.97
CA VAL B 66 -0.87 -25.37 -24.95
C VAL B 66 -0.33 -25.53 -26.38
N PRO B 67 0.47 -24.54 -26.85
CA PRO B 67 1.01 -24.69 -28.21
C PRO B 67 1.62 -26.07 -28.45
N ALA B 68 1.44 -26.60 -29.65
CA ALA B 68 2.13 -27.82 -30.08
C ALA B 68 3.64 -27.62 -29.98
N GLY B 69 4.35 -28.65 -29.53
CA GLY B 69 5.79 -28.55 -29.39
C GLY B 69 6.25 -28.07 -28.03
N HIS B 70 5.31 -27.58 -27.20
CA HIS B 70 5.52 -27.39 -25.77
C HIS B 70 5.12 -28.68 -25.06
N ASP B 71 6.05 -29.30 -24.33
CA ASP B 71 5.69 -30.43 -23.45
C ASP B 71 5.43 -29.89 -22.04
N PHE B 72 4.14 -29.69 -21.74
CA PHE B 72 3.71 -29.16 -20.46
C PHE B 72 2.56 -30.02 -19.89
N THR B 73 2.71 -30.44 -18.63
CA THR B 73 1.65 -31.15 -17.91
C THR B 73 1.10 -30.33 -16.71
N PRO B 74 -0.19 -29.95 -16.76
CA PRO B 74 -0.78 -29.23 -15.61
C PRO B 74 -1.15 -30.23 -14.51
N LEU B 75 -0.74 -29.95 -13.27
CA LEU B 75 -1.07 -30.80 -12.13
C LEU B 75 -2.23 -30.11 -11.42
N MET B 76 -3.36 -30.80 -11.35
CA MET B 76 -4.61 -30.18 -10.92
C MET B 76 -4.78 -30.24 -9.39
N THR B 77 -5.53 -29.29 -8.83
CA THR B 77 -5.77 -29.23 -7.38
C THR B 77 -7.27 -29.14 -7.10
N CYS B 78 -7.68 -29.67 -5.95
CA CYS B 78 -9.04 -29.48 -5.44
C CYS B 78 -9.15 -28.23 -4.56
N TYR B 79 -10.22 -27.46 -4.76
CA TYR B 79 -10.52 -26.33 -3.87
C TYR B 79 -11.22 -26.86 -2.62
N LEU B 80 -10.54 -26.84 -1.48
CA LEU B 80 -11.15 -27.37 -0.24
C LEU B 80 -12.31 -26.47 0.21
N THR B 81 -13.39 -27.11 0.69
CA THR B 81 -14.58 -26.44 1.22
C THR B 81 -15.09 -27.18 2.44
N ASP B 82 -15.71 -26.45 3.36
CA ASP B 82 -16.23 -27.02 4.62
C ASP B 82 -16.94 -28.34 4.41
N SER B 83 -17.80 -28.40 3.41
CA SER B 83 -18.71 -29.54 3.20
C SER B 83 -18.12 -30.63 2.33
N LEU B 84 -16.94 -30.38 1.75
CA LEU B 84 -16.34 -31.28 0.78
C LEU B 84 -16.32 -32.73 1.26
N ASP B 85 -16.91 -33.60 0.46
CA ASP B 85 -16.83 -35.03 0.65
C ASP B 85 -15.39 -35.54 0.55
N PRO B 86 -14.88 -36.26 1.56
CA PRO B 86 -13.55 -36.86 1.43
C PRO B 86 -13.42 -37.88 0.29
N ASN B 87 -14.51 -38.57 -0.05
CA ASN B 87 -14.51 -39.55 -1.13
C ASN B 87 -14.27 -38.90 -2.50
N GLU B 88 -14.87 -37.74 -2.74
CA GLU B 88 -14.59 -36.95 -3.96
C GLU B 88 -13.10 -36.54 -4.08
N LEU B 89 -12.55 -35.99 -3.00
CA LEU B 89 -11.12 -35.68 -2.93
C LEU B 89 -10.31 -36.92 -3.31
N GLU B 90 -10.63 -38.03 -2.66
CA GLU B 90 -9.83 -39.25 -2.76
C GLU B 90 -9.96 -39.97 -4.10
N ARG B 91 -11.17 -40.16 -4.59
CA ARG B 91 -11.35 -40.70 -5.94
C ARG B 91 -10.56 -39.85 -6.94
N GLY B 92 -10.62 -38.53 -6.81
CA GLY B 92 -9.86 -37.63 -7.66
C GLY B 92 -8.35 -37.76 -7.53
N PHE B 93 -7.87 -38.14 -6.35
CA PHE B 93 -6.46 -38.48 -6.15
C PHE B 93 -6.13 -39.80 -6.84
N ASN B 94 -6.88 -40.84 -6.49
CA ASN B 94 -6.64 -42.19 -7.01
C ASN B 94 -6.73 -42.32 -8.55
N GLU B 95 -7.42 -41.38 -9.21
CA GLU B 95 -7.52 -41.35 -10.68
C GLU B 95 -6.46 -40.48 -11.37
N GLY B 96 -5.57 -39.89 -10.59
CA GLY B 96 -4.57 -38.99 -11.12
C GLY B 96 -5.12 -37.65 -11.59
N VAL B 97 -6.29 -37.25 -11.10
CA VAL B 97 -6.82 -35.91 -11.42
C VAL B 97 -6.28 -34.82 -10.48
N PHE B 98 -6.40 -35.08 -9.18
CA PHE B 98 -5.94 -34.14 -8.15
C PHE B 98 -4.56 -34.56 -7.68
N THR B 99 -3.60 -33.68 -7.86
CA THR B 99 -2.24 -33.87 -7.35
C THR B 99 -2.16 -33.47 -5.88
N ALA B 100 -2.98 -32.47 -5.52
CA ALA B 100 -3.05 -31.94 -4.15
C ALA B 100 -4.39 -31.23 -3.92
N ALA B 101 -4.60 -30.78 -2.68
CA ALA B 101 -5.74 -29.96 -2.28
C ALA B 101 -5.23 -28.65 -1.68
N LEU B 103 -5.85 -25.10 0.53
CA LEU B 103 -6.65 -24.55 1.62
C LEU B 103 -6.59 -23.04 1.53
N TYR B 104 -7.73 -22.41 1.24
CA TYR B 104 -7.90 -20.96 1.34
C TYR B 104 -8.74 -20.68 2.57
N PRO B 105 -8.24 -19.90 3.52
CA PRO B 105 -9.12 -19.45 4.60
C PRO B 105 -10.20 -18.57 4.00
N ALA B 106 -11.46 -18.81 4.40
CA ALA B 106 -12.61 -18.00 3.98
C ALA B 106 -12.30 -16.49 4.15
N ASN B 107 -12.44 -15.76 3.04
CA ASN B 107 -11.98 -14.35 2.87
C ASN B 107 -10.47 -14.21 2.68
N GLY B 115 -14.01 -19.87 0.75
CA GLY B 115 -12.92 -20.78 1.10
C GLY B 115 -13.30 -21.77 2.19
N VAL B 116 -12.38 -22.01 3.12
CA VAL B 116 -12.61 -22.88 4.30
C VAL B 116 -12.70 -22.07 5.62
N THR B 117 -13.73 -22.42 6.39
CA THR B 117 -14.13 -21.74 7.62
C THR B 117 -13.22 -22.02 8.81
N SER B 118 -12.92 -23.30 9.01
CA SER B 118 -11.99 -23.73 10.04
C SER B 118 -11.48 -25.13 9.70
N VAL B 119 -10.26 -25.42 10.16
CA VAL B 119 -9.70 -26.78 10.16
C VAL B 119 -10.71 -27.81 10.71
N ASP B 120 -11.29 -27.50 11.87
CA ASP B 120 -12.22 -28.44 12.53
C ASP B 120 -13.35 -28.92 11.62
N ALA B 121 -13.78 -28.06 10.69
CA ALA B 121 -14.92 -28.34 9.81
C ALA B 121 -14.58 -29.37 8.72
N ILE B 122 -13.29 -29.48 8.42
CA ILE B 122 -12.78 -30.31 7.34
C ILE B 122 -11.75 -31.33 7.83
N MET B 123 -11.83 -31.69 9.11
CA MET B 123 -10.92 -32.70 9.65
C MET B 123 -11.03 -34.05 8.95
N PRO B 124 -12.26 -34.49 8.60
CA PRO B 124 -12.37 -35.78 7.91
C PRO B 124 -11.66 -35.77 6.56
N VAL B 125 -11.68 -34.62 5.89
CA VAL B 125 -10.98 -34.47 4.63
C VAL B 125 -9.45 -34.50 4.89
N LEU B 126 -8.99 -33.70 5.84
CA LEU B 126 -7.57 -33.62 6.19
C LEU B 126 -7.00 -34.94 6.68
N GLU B 127 -7.77 -35.65 7.50
CA GLU B 127 -7.42 -37.00 7.92
C GLU B 127 -7.36 -37.93 6.73
N ARG B 128 -8.29 -37.81 5.79
CA ARG B 128 -8.22 -38.64 4.59
C ARG B 128 -6.98 -38.36 3.80
N MET B 129 -6.65 -37.09 3.61
CA MET B 129 -5.43 -36.73 2.89
C MET B 129 -4.15 -37.31 3.52
N GLU B 130 -4.11 -37.29 4.85
CA GLU B 130 -2.95 -37.79 5.58
C GLU B 130 -2.81 -39.28 5.38
N LYS B 131 -3.92 -40.01 5.48
CA LYS B 131 -3.89 -41.46 5.28
C LYS B 131 -3.44 -41.85 3.87
N ILE B 132 -4.00 -41.22 2.84
CA ILE B 132 -3.66 -41.54 1.45
C ILE B 132 -2.38 -40.85 0.96
N GLY B 133 -1.83 -39.95 1.76
CA GLY B 133 -0.58 -39.28 1.44
C GLY B 133 -0.70 -38.19 0.41
N MET B 134 -1.83 -37.49 0.41
CA MET B 134 -2.03 -36.38 -0.50
C MET B 134 -1.57 -35.10 0.21
N PRO B 135 -0.72 -34.31 -0.47
CA PRO B 135 -0.18 -33.10 0.13
C PRO B 135 -1.20 -31.98 0.21
N LEU B 136 -1.12 -31.20 1.28
CA LEU B 136 -1.98 -30.05 1.54
C LEU B 136 -1.18 -28.80 1.26
N LEU B 137 -1.73 -27.94 0.39
CA LEU B 137 -1.13 -26.65 0.07
C LEU B 137 -1.94 -25.56 0.81
N VAL B 138 -1.24 -24.66 1.48
CA VAL B 138 -1.90 -23.71 2.36
C VAL B 138 -1.64 -22.26 1.93
N HIS B 139 -2.70 -21.47 1.75
CA HIS B 139 -2.56 -20.02 1.78
C HIS B 139 -2.65 -19.63 3.26
N GLY B 140 -1.49 -19.55 3.92
CA GLY B 140 -1.41 -19.33 5.37
C GLY B 140 -1.55 -17.91 5.89
N GLU B 141 -2.77 -17.41 5.88
CA GLU B 141 -3.10 -16.15 6.54
C GLU B 141 -4.43 -16.27 7.22
N VAL B 142 -4.53 -15.66 8.39
CA VAL B 142 -5.82 -15.43 9.04
C VAL B 142 -6.49 -14.18 8.46
N THR B 143 -7.82 -14.14 8.53
CA THR B 143 -8.61 -13.14 7.84
C THR B 143 -9.43 -12.26 8.77
N HIS B 144 -9.31 -12.43 10.08
CA HIS B 144 -10.14 -11.61 10.93
C HIS B 144 -9.83 -10.14 10.71
N ALA B 145 -10.89 -9.33 10.72
CA ALA B 145 -10.83 -7.89 10.50
C ALA B 145 -9.99 -7.16 11.53
N ASP B 146 -9.90 -7.72 12.72
CA ASP B 146 -9.12 -7.08 13.79
C ASP B 146 -7.62 -7.26 13.59
N ILE B 147 -7.23 -8.10 12.63
CA ILE B 147 -5.83 -8.41 12.48
C ILE B 147 -5.25 -7.56 11.36
N ASP B 148 -4.15 -6.86 11.69
CA ASP B 148 -3.45 -6.01 10.71
C ASP B 148 -2.96 -6.88 9.58
N ILE B 149 -3.05 -6.39 8.35
CA ILE B 149 -2.76 -7.19 7.16
C ILE B 149 -1.33 -7.76 7.17
N PHE B 150 -0.39 -7.01 7.74
CA PHE B 150 1.01 -7.45 7.78
C PHE B 150 1.29 -8.54 8.80
N ASP B 151 0.34 -8.77 9.70
CA ASP B 151 0.45 -9.82 10.72
C ASP B 151 -0.26 -11.14 10.41
N ARG B 152 -0.98 -11.19 9.29
CA ARG B 152 -1.90 -12.29 9.05
C ARG B 152 -1.19 -13.62 8.80
N GLU B 153 0.00 -13.55 8.21
CA GLU B 153 0.85 -14.74 8.01
C GLU B 153 1.42 -15.30 9.33
N ALA B 154 2.06 -14.46 10.14
CA ALA B 154 2.65 -14.89 11.42
C ALA B 154 1.59 -15.48 12.34
N ARG B 155 0.42 -14.85 12.31
CA ARG B 155 -0.70 -15.25 13.13
C ARG B 155 -1.19 -16.61 12.72
N PHE B 156 -1.18 -16.88 11.42
CA PHE B 156 -1.71 -18.11 10.92
C PHE B 156 -0.88 -19.27 11.39
N ILE B 157 0.42 -19.04 11.50
CA ILE B 157 1.35 -20.08 11.96
C ILE B 157 1.00 -20.60 13.35
N GLU B 158 0.97 -19.68 14.30
CA GLU B 158 0.70 -20.00 15.68
C GLU B 158 -0.74 -20.53 15.88
N SER B 159 -1.72 -19.90 15.22
CA SER B 159 -3.13 -20.25 15.43
C SER B 159 -3.65 -21.43 14.61
N VAL B 160 -3.12 -21.64 13.40
CA VAL B 160 -3.65 -22.67 12.51
C VAL B 160 -2.64 -23.73 12.12
N MET B 161 -1.49 -23.31 11.56
CA MET B 161 -0.49 -24.22 11.03
C MET B 161 0.09 -25.19 12.07
N GLU B 162 0.66 -24.65 13.13
CA GLU B 162 1.33 -25.45 14.13
C GLU B 162 0.37 -26.43 14.85
N PRO B 163 -0.82 -25.97 15.28
CA PRO B 163 -1.80 -26.91 15.88
C PRO B 163 -2.30 -27.96 14.90
N LEU B 164 -2.42 -27.60 13.62
CA LEU B 164 -2.80 -28.57 12.59
C LEU B 164 -1.78 -29.69 12.42
N ARG B 165 -0.50 -29.31 12.38
CA ARG B 165 0.59 -30.27 12.13
C ARG B 165 0.94 -31.14 13.35
N GLN B 166 0.54 -30.69 14.53
CA GLN B 166 0.62 -31.52 15.75
C GLN B 166 -0.51 -32.54 15.77
N ARG B 167 -1.66 -32.16 15.20
CA ARG B 167 -2.84 -33.03 15.23
C ARG B 167 -2.64 -34.13 14.19
N LEU B 168 -2.18 -33.74 13.00
CA LEU B 168 -1.89 -34.67 11.90
C LEU B 168 -0.39 -34.79 11.66
N THR B 169 0.26 -35.67 12.42
CA THR B 169 1.72 -35.82 12.37
C THR B 169 2.29 -36.28 11.02
N ALA B 170 1.48 -36.98 10.22
CA ALA B 170 1.93 -37.53 8.95
C ALA B 170 1.46 -36.75 7.73
N LEU B 171 0.81 -35.61 7.94
CA LEU B 171 0.30 -34.84 6.82
C LEU B 171 1.44 -34.01 6.18
N LYS B 172 1.51 -34.07 4.86
CA LYS B 172 2.49 -33.28 4.11
C LYS B 172 1.88 -31.93 3.77
N VAL B 173 2.60 -30.87 4.09
CA VAL B 173 2.10 -29.51 3.93
C VAL B 173 3.06 -28.67 3.13
N VAL B 174 2.57 -28.03 2.06
CA VAL B 174 3.32 -26.92 1.44
C VAL B 174 2.76 -25.61 1.97
N PHE B 175 3.63 -24.85 2.63
CA PHE B 175 3.32 -23.51 3.08
C PHE B 175 3.55 -22.61 1.83
N GLU B 176 2.47 -22.25 1.16
CA GLU B 176 2.60 -21.55 -0.11
C GLU B 176 3.11 -20.12 0.09
N HIS B 177 3.73 -19.61 -0.96
CA HIS B 177 4.21 -18.22 -1.07
C HIS B 177 4.51 -17.54 0.25
N ILE B 178 5.53 -18.05 0.95
CA ILE B 178 5.87 -17.47 2.23
C ILE B 178 6.51 -16.12 2.05
N THR B 179 6.25 -15.21 2.99
CA THR B 179 6.59 -13.79 2.81
C THR B 179 7.32 -13.19 4.02
N THR B 180 7.51 -13.99 5.09
CA THR B 180 8.02 -13.50 6.38
C THR B 180 9.15 -14.35 6.92
N LYS B 181 10.01 -13.72 7.70
CA LYS B 181 11.00 -14.41 8.51
C LYS B 181 10.35 -15.46 9.38
N ASP B 182 9.18 -15.15 9.91
CA ASP B 182 8.44 -16.05 10.76
C ASP B 182 8.22 -17.38 10.06
N ALA B 183 7.76 -17.31 8.81
CA ALA B 183 7.51 -18.50 8.01
C ALA B 183 8.82 -19.15 7.58
N ALA B 184 9.82 -18.33 7.29
CA ALA B 184 11.10 -18.83 6.82
C ALA B 184 11.77 -19.65 7.93
N ASP B 185 11.72 -19.16 9.15
CA ASP B 185 12.29 -19.87 10.31
C ASP B 185 11.47 -21.13 10.59
N TYR B 186 10.14 -20.99 10.57
CA TYR B 186 9.21 -22.09 10.88
C TYR B 186 9.41 -23.23 9.90
N VAL B 187 9.63 -22.87 8.63
CA VAL B 187 9.85 -23.88 7.58
C VAL B 187 11.27 -24.48 7.65
N ARG B 188 12.26 -23.61 7.80
CA ARG B 188 13.62 -24.08 7.97
C ARG B 188 13.76 -25.08 9.10
N ASP B 189 13.06 -24.85 10.20
CA ASP B 189 13.15 -25.68 11.42
C ASP B 189 12.16 -26.83 11.45
N GLY B 190 11.28 -26.90 10.47
CA GLY B 190 10.28 -27.97 10.39
C GLY B 190 10.87 -29.30 9.98
N ASN B 191 10.01 -30.27 9.76
CA ASN B 191 10.45 -31.62 9.42
C ASN B 191 10.24 -31.89 7.93
N GLU B 192 10.58 -33.10 7.52
CA GLU B 192 10.52 -33.50 6.12
C GLU B 192 9.12 -33.45 5.51
N ARG B 193 8.09 -33.27 6.33
CA ARG B 193 6.71 -33.20 5.84
C ARG B 193 6.22 -31.75 5.65
N LEU B 194 7.13 -30.78 5.77
CA LEU B 194 6.77 -29.39 5.60
C LEU B 194 7.70 -28.79 4.58
N ALA B 195 7.12 -28.08 3.61
CA ALA B 195 7.88 -27.39 2.59
C ALA B 195 7.22 -26.05 2.34
N ALA B 196 7.80 -25.27 1.42
CA ALA B 196 7.28 -23.94 1.11
C ALA B 196 7.63 -23.57 -0.32
N THR B 197 6.79 -22.77 -0.94
CA THR B 197 7.13 -22.07 -2.16
C THR B 197 7.45 -20.63 -1.87
N ILE B 198 8.19 -20.01 -2.78
CA ILE B 198 8.47 -18.58 -2.71
C ILE B 198 8.43 -18.00 -4.12
N THR B 199 7.77 -16.84 -4.24
CA THR B 199 7.58 -16.13 -5.50
C THR B 199 8.77 -15.27 -5.80
N PRO B 200 8.91 -14.87 -7.07
CA PRO B 200 9.94 -13.87 -7.43
C PRO B 200 9.80 -12.54 -6.67
N GLN B 201 8.59 -12.00 -6.60
CA GLN B 201 8.38 -10.65 -6.02
C GLN B 201 8.78 -10.55 -4.54
N HIS B 202 8.50 -11.62 -3.78
CA HIS B 202 8.83 -11.65 -2.36
C HIS B 202 10.34 -11.78 -2.09
N LEU B 203 11.08 -12.18 -3.12
CA LEU B 203 12.56 -12.18 -3.07
C LEU B 203 13.15 -10.86 -3.56
N MET B 204 12.61 -10.31 -4.64
CA MET B 204 13.14 -9.09 -5.27
C MET B 204 12.80 -7.78 -4.59
N PHE B 205 11.64 -7.75 -3.91
CA PHE B 205 11.07 -6.52 -3.38
C PHE B 205 10.64 -6.63 -1.90
N ASN B 206 10.45 -5.48 -1.28
CA ASN B 206 9.72 -5.38 -0.02
C ASN B 206 8.64 -4.30 -0.16
N ARG B 207 7.92 -3.99 0.92
CA ARG B 207 6.75 -3.12 0.79
C ARG B 207 7.09 -1.70 0.34
N ASN B 208 8.32 -1.23 0.62
CA ASN B 208 8.78 0.07 0.09
C ASN B 208 8.65 0.21 -1.44
N HIS B 209 8.87 -0.89 -2.15
CA HIS B 209 8.78 -0.89 -3.61
C HIS B 209 7.36 -0.68 -4.14
N MET B 210 6.38 -1.16 -3.39
CA MET B 210 4.97 -0.98 -3.72
C MET B 210 4.41 0.42 -3.34
N LEU B 211 5.06 1.12 -2.41
CA LEU B 211 4.42 2.26 -1.71
C LEU B 211 5.19 3.57 -1.67
N VAL B 212 6.48 3.53 -2.02
CA VAL B 212 7.30 4.73 -1.98
C VAL B 212 7.34 5.38 -3.34
N GLY B 213 7.21 6.70 -3.38
CA GLY B 213 7.23 7.44 -4.67
C GLY B 213 5.95 7.29 -5.49
N GLY B 214 4.99 6.56 -4.94
CA GLY B 214 3.72 6.28 -5.61
C GLY B 214 3.25 4.91 -5.16
N VAL B 215 1.99 4.59 -5.42
CA VAL B 215 1.48 3.25 -5.09
C VAL B 215 1.46 2.40 -6.35
N ARG B 216 1.94 1.17 -6.26
CA ARG B 216 2.13 0.36 -7.47
C ARG B 216 1.25 -0.87 -7.43
N PRO B 217 0.05 -0.78 -8.06
CA PRO B 217 -0.89 -1.92 -8.02
C PRO B 217 -0.29 -3.23 -8.52
N HIS B 218 0.66 -3.12 -9.44
CA HIS B 218 1.23 -4.30 -10.09
C HIS B 218 2.24 -5.04 -9.22
N LEU B 219 2.63 -4.41 -8.10
CA LEU B 219 3.33 -5.12 -7.01
C LEU B 219 2.36 -5.58 -5.91
N TYR B 220 1.09 -5.19 -6.02
CA TYR B 220 0.10 -5.58 -5.03
C TYR B 220 -0.34 -7.02 -5.28
N CYS B 221 -0.17 -7.83 -4.25
CA CYS B 221 -0.50 -9.24 -4.26
C CYS B 221 -0.65 -9.70 -2.82
N LEU B 222 -1.13 -10.94 -2.67
CA LEU B 222 -1.30 -11.53 -1.37
C LEU B 222 -0.53 -12.83 -1.31
N PRO B 223 0.11 -13.13 -0.17
CA PRO B 223 0.25 -12.23 0.96
C PRO B 223 1.03 -10.98 0.55
N ILE B 224 0.79 -9.89 1.28
CA ILE B 224 1.36 -8.59 1.03
C ILE B 224 2.85 -8.59 1.29
N LEU B 225 3.56 -7.81 0.47
CA LEU B 225 4.98 -7.57 0.63
C LEU B 225 5.20 -6.96 2.00
N LYS B 226 6.24 -7.41 2.66
CA LYS B 226 6.46 -7.11 4.05
C LYS B 226 7.70 -6.24 4.09
N ARG B 227 8.18 -5.93 5.29
CA ARG B 227 9.43 -5.22 5.55
C ARG B 227 10.63 -5.93 4.95
N ASN B 228 11.68 -5.15 4.69
CA ASN B 228 12.97 -5.66 4.22
C ASN B 228 13.54 -6.79 5.05
N ILE B 229 13.39 -6.75 6.38
CA ILE B 229 13.92 -7.84 7.22
C ILE B 229 13.29 -9.17 6.88
N HIS B 230 12.04 -9.13 6.41
CA HIS B 230 11.35 -10.35 5.98
C HIS B 230 11.85 -10.80 4.61
N GLN B 231 11.98 -9.85 3.71
CA GLN B 231 12.55 -10.10 2.41
C GLN B 231 13.93 -10.74 2.55
N GLN B 232 14.79 -10.14 3.36
CA GLN B 232 16.15 -10.63 3.52
C GLN B 232 16.14 -12.05 4.08
N ALA B 233 15.20 -12.34 4.99
CA ALA B 233 15.04 -13.69 5.52
C ALA B 233 14.75 -14.70 4.38
N LEU B 234 13.98 -14.27 3.38
CA LEU B 234 13.59 -15.19 2.31
C LEU B 234 14.75 -15.47 1.35
N ARG B 235 15.47 -14.41 1.00
CA ARG B 235 16.66 -14.52 0.13
C ARG B 235 17.72 -15.41 0.76
N GLU B 236 17.95 -15.24 2.06
CA GLU B 236 18.85 -16.12 2.80
C GLU B 236 18.38 -17.56 2.82
N LEU B 237 17.07 -17.79 2.87
CA LEU B 237 16.54 -19.16 2.98
C LEU B 237 16.77 -19.92 1.69
N VAL B 238 16.53 -19.28 0.56
CA VAL B 238 16.74 -19.93 -0.74
C VAL B 238 18.24 -20.13 -1.01
N ALA B 239 19.04 -19.15 -0.64
CA ALA B 239 20.47 -19.15 -0.87
C ALA B 239 21.23 -20.14 -0.01
N SER B 240 20.65 -20.53 1.12
CA SER B 240 21.30 -21.47 2.02
C SER B 240 21.38 -22.83 1.36
N GLY B 241 20.43 -23.14 0.47
CA GLY B 241 20.39 -24.44 -0.18
C GLY B 241 19.45 -25.38 0.51
N PHE B 242 18.76 -24.89 1.54
CA PHE B 242 17.62 -25.60 2.12
C PHE B 242 16.79 -26.27 1.01
N ASN B 243 16.48 -27.55 1.15
CA ASN B 243 15.92 -28.29 0.02
C ASN B 243 14.42 -28.55 0.07
N ARG B 244 13.74 -27.91 1.00
CA ARG B 244 12.28 -27.95 1.05
C ARG B 244 11.70 -26.57 0.80
N VAL B 245 12.46 -25.76 0.08
CA VAL B 245 11.89 -24.59 -0.59
C VAL B 245 12.05 -24.78 -2.12
N PHE B 246 10.98 -24.47 -2.85
CA PHE B 246 11.03 -24.54 -4.29
C PHE B 246 10.22 -23.48 -5.02
N LEU B 247 10.47 -23.40 -6.31
CA LEU B 247 9.86 -22.43 -7.22
C LEU B 247 8.32 -22.63 -7.26
N GLY B 248 7.61 -21.56 -6.90
CA GLY B 248 6.15 -21.41 -7.08
C GLY B 248 5.91 -19.92 -7.33
N THR B 249 5.56 -19.54 -8.56
CA THR B 249 5.59 -18.12 -8.96
C THR B 249 4.45 -17.31 -8.35
N ASP B 250 3.31 -18.00 -8.16
CA ASP B 250 2.02 -17.40 -7.89
C ASP B 250 1.66 -16.38 -8.98
N SER B 251 2.04 -16.67 -10.22
CA SER B 251 1.65 -15.82 -11.32
C SER B 251 0.11 -15.76 -11.27
N ALA B 252 -0.41 -14.54 -11.27
CA ALA B 252 -1.80 -14.29 -10.88
C ALA B 252 -2.30 -13.10 -11.69
N PRO B 253 -2.60 -13.36 -12.97
CA PRO B 253 -2.92 -12.30 -13.92
C PRO B 253 -4.29 -11.66 -13.73
N HIS B 254 -4.34 -10.32 -13.76
CA HIS B 254 -5.59 -9.54 -13.86
C HIS B 254 -5.46 -8.55 -15.01
N ALA B 255 -6.59 -8.20 -15.64
CA ALA B 255 -6.60 -7.19 -16.69
C ALA B 255 -6.13 -5.85 -16.14
N ARG B 256 -5.51 -5.04 -17.00
CA ARG B 256 -4.82 -3.82 -16.55
C ARG B 256 -5.71 -2.93 -15.71
N HIS B 257 -6.95 -2.74 -16.14
CA HIS B 257 -7.85 -1.85 -15.43
C HIS B 257 -8.59 -2.48 -14.25
N ARG B 258 -8.40 -3.76 -14.04
CA ARG B 258 -8.73 -4.37 -12.77
C ARG B 258 -7.61 -4.29 -11.74
N LYS B 259 -6.39 -4.10 -12.24
CA LYS B 259 -5.26 -3.67 -11.40
C LYS B 259 -5.29 -2.15 -11.11
N GLU B 260 -5.45 -1.35 -12.17
CA GLU B 260 -5.36 0.12 -12.08
C GLU B 260 -6.72 0.77 -11.93
N SER B 261 -7.41 0.39 -10.86
CA SER B 261 -8.74 0.91 -10.52
C SER B 261 -8.73 1.60 -9.13
N SER B 262 -9.91 2.05 -8.71
CA SER B 262 -10.09 2.49 -7.32
C SER B 262 -9.98 1.33 -6.32
N CYS B 263 -10.07 0.08 -6.78
CA CYS B 263 -9.85 -1.06 -5.90
C CYS B 263 -9.15 -2.17 -6.65
N GLY B 264 -7.83 -2.14 -6.64
CA GLY B 264 -7.04 -3.03 -7.48
C GLY B 264 -7.01 -4.46 -6.95
N CYS B 265 -7.15 -5.42 -7.86
CA CYS B 265 -7.02 -6.84 -7.51
C CYS B 265 -5.58 -7.22 -7.23
N ALA B 266 -5.43 -8.07 -6.22
CA ALA B 266 -4.16 -8.61 -5.81
C ALA B 266 -3.67 -9.63 -6.82
N GLY B 267 -2.37 -9.63 -7.11
CA GLY B 267 -1.79 -10.60 -8.03
C GLY B 267 -0.78 -10.03 -9.00
N CYS B 268 0.40 -10.66 -9.05
CA CYS B 268 1.45 -10.30 -9.97
C CYS B 268 1.48 -11.30 -11.13
N PHE B 269 1.37 -10.80 -12.36
CA PHE B 269 1.58 -11.63 -13.56
C PHE B 269 3.07 -11.74 -13.90
N ASN B 270 3.70 -12.74 -13.32
CA ASN B 270 5.14 -12.84 -13.29
C ASN B 270 5.66 -14.03 -14.12
N ALA B 271 4.77 -14.82 -14.72
CA ALA B 271 5.21 -16.00 -15.50
C ALA B 271 6.20 -15.67 -16.64
N PRO B 272 5.96 -14.59 -17.43
CA PRO B 272 6.96 -14.23 -18.43
C PRO B 272 8.38 -14.03 -17.88
N THR B 273 8.48 -13.49 -16.67
CA THR B 273 9.75 -12.98 -16.14
C THR B 273 10.27 -13.65 -14.88
N ALA B 274 9.53 -14.61 -14.32
CA ALA B 274 9.87 -15.11 -12.98
C ALA B 274 11.19 -15.86 -12.95
N LEU B 275 11.46 -16.68 -13.98
CA LEU B 275 12.64 -17.56 -13.97
C LEU B 275 13.91 -16.74 -14.04
N GLY B 276 13.93 -15.74 -14.93
CA GLY B 276 15.06 -14.80 -15.02
C GLY B 276 15.26 -14.00 -13.75
N SER B 277 14.15 -13.61 -13.12
CA SER B 277 14.18 -12.86 -11.87
C SER B 277 14.74 -13.71 -10.73
N TYR B 278 14.29 -14.95 -10.60
CA TYR B 278 14.92 -15.88 -9.65
C TYR B 278 16.43 -16.04 -9.88
N ALA B 279 16.83 -16.23 -11.14
CA ALA B 279 18.26 -16.29 -11.49
C ALA B 279 19.04 -15.08 -10.91
N THR B 280 18.49 -13.88 -11.10
CA THR B 280 19.09 -12.66 -10.54
C THR B 280 19.22 -12.75 -9.01
N VAL B 281 18.18 -13.24 -8.34
CA VAL B 281 18.25 -13.29 -6.88
C VAL B 281 19.36 -14.25 -6.42
N PHE B 282 19.40 -15.44 -6.99
CA PHE B 282 20.42 -16.44 -6.67
C PHE B 282 21.85 -15.94 -6.99
N GLU B 283 22.02 -15.25 -8.11
CA GLU B 283 23.31 -14.68 -8.47
C GLU B 283 23.73 -13.61 -7.47
N GLU B 284 22.83 -12.67 -7.21
CA GLU B 284 23.06 -11.63 -6.21
C GLU B 284 23.48 -12.22 -4.87
N MET B 285 22.91 -13.38 -4.54
CA MET B 285 23.17 -14.04 -3.25
C MET B 285 24.41 -14.96 -3.24
N ASN B 286 25.20 -14.91 -4.31
CA ASN B 286 26.37 -15.80 -4.49
C ASN B 286 25.99 -17.27 -4.29
N ALA B 287 24.91 -17.68 -4.94
CA ALA B 287 24.29 -18.95 -4.63
C ALA B 287 23.69 -19.66 -5.85
N LEU B 288 24.20 -19.37 -7.05
CA LEU B 288 23.70 -20.02 -8.27
C LEU B 288 23.81 -21.55 -8.24
N GLN B 289 24.72 -22.07 -7.43
CA GLN B 289 24.87 -23.51 -7.32
C GLN B 289 23.61 -24.15 -6.75
N HIS B 290 22.75 -23.35 -6.13
CA HIS B 290 21.51 -23.87 -5.54
C HIS B 290 20.30 -23.57 -6.38
N PHE B 291 20.52 -22.86 -7.48
CA PHE B 291 19.44 -22.41 -8.33
C PHE B 291 18.67 -23.57 -8.97
N GLU B 292 19.40 -24.50 -9.59
CA GLU B 292 18.76 -25.65 -10.25
C GLU B 292 17.87 -26.45 -9.31
N ALA B 293 18.35 -26.70 -8.10
CA ALA B 293 17.59 -27.56 -7.17
C ALA B 293 16.26 -26.87 -6.81
N PHE B 294 16.34 -25.58 -6.49
CA PHE B 294 15.16 -24.77 -6.21
C PHE B 294 14.11 -24.85 -7.34
N CYS B 295 14.58 -24.71 -8.59
CA CYS B 295 13.73 -24.69 -9.77
C CYS B 295 13.23 -26.05 -10.25
N SER B 296 14.08 -27.08 -10.12
CA SER B 296 13.89 -28.34 -10.86
C SER B 296 14.02 -29.65 -10.10
N VAL B 297 14.34 -29.60 -8.80
CA VAL B 297 14.58 -30.84 -8.00
C VAL B 297 13.84 -30.92 -6.62
N ASN B 298 13.78 -29.81 -5.89
CA ASN B 298 13.20 -29.84 -4.54
C ASN B 298 11.71 -30.12 -4.57
N GLY B 299 11.00 -29.45 -5.49
CA GLY B 299 9.58 -29.68 -5.66
C GLY B 299 9.30 -31.15 -5.91
N PRO B 300 9.84 -31.68 -7.02
CA PRO B 300 9.64 -33.07 -7.41
C PRO B 300 9.96 -34.05 -6.29
N GLN B 301 11.04 -33.81 -5.56
CA GLN B 301 11.36 -34.65 -4.39
C GLN B 301 10.27 -34.55 -3.33
N PHE B 302 9.78 -33.34 -3.03
CA PHE B 302 8.75 -33.23 -2.01
C PHE B 302 7.46 -33.96 -2.42
N TYR B 303 7.03 -33.70 -3.65
CA TYR B 303 5.82 -34.31 -4.19
C TYR B 303 5.98 -35.78 -4.56
N GLY B 304 7.20 -36.30 -4.53
CA GLY B 304 7.49 -37.68 -4.89
C GLY B 304 7.33 -37.94 -6.37
N LEU B 305 7.68 -36.94 -7.19
CA LEU B 305 7.62 -37.09 -8.65
C LEU B 305 9.03 -37.05 -9.25
N PRO B 306 9.21 -37.65 -10.45
CA PRO B 306 10.52 -37.65 -11.09
C PRO B 306 10.94 -36.23 -11.45
N VAL B 307 12.23 -35.98 -11.51
CA VAL B 307 12.69 -34.70 -12.06
C VAL B 307 12.52 -34.74 -13.56
N ASN B 308 12.38 -33.58 -14.18
CA ASN B 308 12.29 -33.46 -15.62
C ASN B 308 13.60 -33.94 -16.23
N ASP B 309 13.53 -34.52 -17.42
CA ASP B 309 14.69 -35.09 -18.09
C ASP B 309 15.15 -34.27 -19.30
N THR B 310 14.63 -33.06 -19.46
CA THR B 310 15.20 -32.12 -20.39
C THR B 310 15.82 -30.94 -19.64
N PHE B 311 16.53 -30.12 -20.41
CA PHE B 311 17.30 -28.99 -19.92
C PHE B 311 16.95 -27.75 -20.73
N ILE B 312 17.07 -26.60 -20.08
CA ILE B 312 16.98 -25.30 -20.73
C ILE B 312 18.20 -24.47 -20.33
N GLU B 313 18.38 -23.36 -21.03
CA GLU B 313 19.49 -22.43 -20.78
C GLU B 313 19.00 -21.01 -20.52
N LEU B 314 19.73 -20.32 -19.63
CA LEU B 314 19.51 -18.92 -19.32
C LEU B 314 20.77 -18.18 -19.72
N VAL B 315 20.61 -17.04 -20.41
CA VAL B 315 21.73 -16.21 -20.84
C VAL B 315 21.70 -14.93 -20.03
N ARG B 316 22.85 -14.49 -19.55
CA ARG B 316 22.95 -13.19 -18.89
C ARG B 316 23.04 -12.07 -19.94
N GLU B 317 21.93 -11.92 -20.67
CA GLU B 317 21.74 -10.84 -21.61
C GLU B 317 20.48 -10.09 -21.18
N GLU B 318 20.59 -8.76 -21.14
CA GLU B 318 19.49 -7.88 -20.73
C GLU B 318 18.36 -7.88 -21.75
N GLN B 319 17.32 -8.68 -21.46
CA GLN B 319 16.11 -8.78 -22.30
C GLN B 319 15.01 -7.94 -21.65
N GLN B 320 14.52 -6.93 -22.37
CA GLN B 320 13.51 -6.01 -21.81
C GLN B 320 12.10 -6.61 -21.80
N VAL B 321 11.36 -6.28 -20.75
CA VAL B 321 10.03 -6.79 -20.56
C VAL B 321 9.03 -5.89 -21.27
N ALA B 322 8.08 -6.51 -21.96
CA ALA B 322 7.06 -5.78 -22.69
C ALA B 322 6.25 -4.86 -21.77
N GLU B 323 5.85 -3.69 -22.25
CA GLU B 323 4.99 -2.79 -21.46
C GLU B 323 3.66 -3.47 -21.16
N SER B 324 3.09 -4.10 -22.18
CA SER B 324 1.80 -4.79 -22.03
C SER B 324 1.67 -5.96 -22.99
N ILE B 325 0.67 -6.79 -22.73
CA ILE B 325 0.35 -7.98 -23.53
C ILE B 325 -1.13 -7.90 -23.88
N ALA B 326 -1.44 -7.94 -25.16
CA ALA B 326 -2.82 -7.83 -25.64
C ALA B 326 -3.71 -8.95 -25.08
N LEU B 327 -4.96 -8.57 -24.79
CA LEU B 327 -6.06 -9.49 -24.47
C LEU B 327 -7.19 -9.12 -25.44
N THR B 328 -8.32 -9.83 -25.37
CA THR B 328 -9.46 -9.51 -26.27
C THR B 328 -10.12 -8.15 -25.96
N ASP B 329 -10.17 -7.80 -24.67
CA ASP B 329 -10.43 -6.41 -24.25
C ASP B 329 -9.44 -6.06 -23.15
N ASP B 330 -8.98 -4.80 -23.16
CA ASP B 330 -7.97 -4.33 -22.22
C ASP B 330 -6.64 -5.05 -22.56
N THR B 331 -5.66 -4.88 -21.68
CA THR B 331 -4.36 -5.49 -21.83
C THR B 331 -3.95 -6.09 -20.48
N LEU B 332 -2.79 -6.75 -20.48
CA LEU B 332 -2.25 -7.42 -19.33
C LEU B 332 -0.87 -6.82 -19.15
N VAL B 333 -0.60 -6.28 -17.97
CA VAL B 333 0.69 -5.66 -17.67
C VAL B 333 1.56 -6.70 -16.97
N PRO B 334 2.69 -7.10 -17.59
CA PRO B 334 3.53 -8.08 -16.90
C PRO B 334 4.23 -7.46 -15.70
N PHE B 335 4.51 -8.32 -14.72
CA PHE B 335 5.42 -8.01 -13.64
C PHE B 335 6.72 -7.44 -14.26
N LEU B 336 7.19 -6.32 -13.74
CA LEU B 336 8.38 -5.63 -14.28
C LEU B 336 8.20 -5.07 -15.71
N ALA B 337 6.99 -4.63 -16.05
CA ALA B 337 6.72 -4.17 -17.43
C ALA B 337 7.69 -3.05 -17.76
N GLY B 338 8.17 -3.03 -19.00
CA GLY B 338 9.05 -1.96 -19.48
C GLY B 338 10.42 -1.93 -18.83
N GLU B 339 10.71 -2.92 -17.99
CA GLU B 339 11.93 -2.94 -17.22
C GLU B 339 12.95 -3.78 -17.94
N THR B 340 14.18 -3.72 -17.43
CA THR B 340 15.25 -4.62 -17.85
C THR B 340 15.27 -5.83 -16.92
N VAL B 341 15.32 -7.02 -17.51
CA VAL B 341 15.70 -8.23 -16.75
C VAL B 341 17.14 -8.55 -17.16
N ARG B 342 17.87 -9.22 -16.26
CA ARG B 342 19.30 -9.41 -16.40
C ARG B 342 19.63 -10.77 -16.99
N TRP B 343 18.71 -11.73 -16.83
CA TRP B 343 18.82 -13.09 -17.34
C TRP B 343 17.61 -13.42 -18.18
N SER B 344 17.80 -14.10 -19.30
CA SER B 344 16.69 -14.49 -20.15
C SER B 344 16.87 -15.92 -20.63
N VAL B 345 15.77 -16.57 -20.94
CA VAL B 345 15.79 -17.94 -21.44
C VAL B 345 16.24 -17.96 -22.88
N LYS B 346 17.26 -18.77 -23.16
CA LYS B 346 17.85 -18.93 -24.49
C LYS B 346 17.02 -19.86 -25.36
#